data_3KTD
#
_entry.id   3KTD
#
_cell.length_a   99.322
_cell.length_b   107.230
_cell.length_c   146.915
_cell.angle_alpha   90.000
_cell.angle_beta   90.000
_cell.angle_gamma   90.000
#
_symmetry.space_group_name_H-M   'P 21 21 21'
#
loop_
_entity.id
_entity.type
_entity.pdbx_description
1 polymer 'Prephenate dehydrogenase'
2 non-polymer 1,2-ETHANEDIOL
3 non-polymer DI(HYDROXYETHYL)ETHER
4 water water
#
_entity_poly.entity_id   1
_entity_poly.type   'polypeptide(L)'
_entity_poly.pdbx_seq_one_letter_code
;G(MSE)TTKDISRPVCILGLGLIGGSLLRDLHAANHSVFGYNRSRSGAKSAVDEGFDVSADLEATLQRAAAEDALIVLAV
P(MSE)TAIDSLLDAVHTHAPNNGFTDVVSVKTAVYDAVKARN(MSE)QHRYVGSHP(MSE)AGTANSGWSAS(MSE)DG
LFKRAVWVVTFDQLFDGTDINSTWISIWKDVVQ(MSE)ALAVGAEVVPSRVGPHDAAAARVSHLTHILAETLAIVGDNGG
ALSLSLAAGSYRDSTRVAGTDPGLVRA(MSE)CESNAGPLVKALDEALAILHEAREGLTAEQPNIEQLADNGYRSRIRYE
ARSGQRRAKESVSPTITSSRPVLRLHPGTPNWEKQLIHAETLGARIEVF
;
_entity_poly.pdbx_strand_id   A,B,C,D
#
# COMPACT_ATOMS: atom_id res chain seq x y z
N ASP A 6 -44.68 4.11 -4.24
CA ASP A 6 -43.50 4.30 -5.16
C ASP A 6 -43.18 5.78 -5.39
N ILE A 7 -42.22 6.06 -6.27
CA ILE A 7 -41.69 7.42 -6.49
C ILE A 7 -42.49 8.14 -7.59
N SER A 8 -43.08 9.29 -7.25
CA SER A 8 -43.92 10.05 -8.17
C SER A 8 -43.16 10.88 -9.21
N ARG A 9 -41.83 10.98 -9.07
CA ARG A 9 -41.00 11.74 -9.99
C ARG A 9 -39.87 10.88 -10.52
N PRO A 10 -39.40 11.17 -11.74
CA PRO A 10 -38.17 10.51 -12.20
C PRO A 10 -37.00 11.07 -11.39
N VAL A 11 -36.05 10.22 -11.01
CA VAL A 11 -34.89 10.64 -10.22
C VAL A 11 -33.76 11.08 -11.15
N CYS A 12 -33.13 12.22 -10.82
CA CYS A 12 -32.01 12.77 -11.60
C CYS A 12 -30.74 12.88 -10.73
N ILE A 13 -29.78 11.97 -10.93
CA ILE A 13 -28.58 11.90 -10.09
C ILE A 13 -27.40 12.71 -10.65
N LEU A 14 -26.94 13.69 -9.88
CA LEU A 14 -25.82 14.53 -10.29
C LEU A 14 -24.56 14.04 -9.55
N GLY A 15 -23.64 13.46 -10.30
CA GLY A 15 -22.48 12.80 -9.74
C GLY A 15 -22.78 11.31 -9.70
N LEU A 16 -21.95 10.52 -10.36
CA LEU A 16 -22.15 9.08 -10.47
C LEU A 16 -20.95 8.28 -10.00
N GLY A 17 -20.58 8.46 -8.73
CA GLY A 17 -19.51 7.69 -8.09
C GLY A 17 -20.07 6.57 -7.24
N LEU A 18 -19.36 6.18 -6.19
CA LEU A 18 -19.80 5.12 -5.29
C LEU A 18 -21.28 5.24 -4.93
N ILE A 19 -21.67 6.41 -4.41
CA ILE A 19 -23.04 6.63 -3.96
C ILE A 19 -24.00 6.83 -5.11
N GLY A 20 -23.74 7.84 -5.93
CA GLY A 20 -24.63 8.18 -7.05
C GLY A 20 -24.79 7.06 -8.07
N GLY A 21 -23.67 6.45 -8.44
CA GLY A 21 -23.67 5.36 -9.40
C GLY A 21 -24.44 4.17 -8.89
N SER A 22 -24.14 3.78 -7.66
CA SER A 22 -24.84 2.69 -6.97
C SER A 22 -26.34 2.94 -6.88
N LEU A 23 -26.71 4.20 -6.71
CA LEU A 23 -28.11 4.59 -6.64
C LEU A 23 -28.74 4.43 -8.03
N LEU A 24 -28.04 4.87 -9.07
CA LEU A 24 -28.55 4.76 -10.43
C LEU A 24 -28.77 3.29 -10.77
N ARG A 25 -27.81 2.45 -10.40
CA ARG A 25 -27.89 1.03 -10.71
C ARG A 25 -29.05 0.36 -9.98
N ASP A 26 -29.21 0.64 -8.69
CA ASP A 26 -30.28 0.02 -7.90
C ASP A 26 -31.67 0.49 -8.35
N LEU A 27 -31.79 1.77 -8.70
CA LEU A 27 -33.03 2.33 -9.18
C LEU A 27 -33.40 1.76 -10.53
N HIS A 28 -32.39 1.47 -11.35
CA HIS A 28 -32.59 0.90 -12.67
C HIS A 28 -33.03 -0.55 -12.52
N ALA A 29 -32.36 -1.26 -11.62
CA ALA A 29 -32.69 -2.65 -11.31
C ALA A 29 -34.16 -2.73 -10.85
N ALA A 30 -34.51 -1.89 -9.88
CA ALA A 30 -35.90 -1.78 -9.39
C ALA A 30 -36.87 -1.21 -10.41
N ASN A 31 -36.36 -0.89 -11.61
CA ASN A 31 -37.18 -0.46 -12.75
C ASN A 31 -37.85 0.92 -12.62
N HIS A 32 -37.28 1.81 -11.80
CA HIS A 32 -37.80 3.18 -11.65
CA HIS A 32 -37.87 3.15 -11.73
C HIS A 32 -37.13 4.12 -12.65
N SER A 33 -37.88 5.12 -13.11
CA SER A 33 -37.36 6.12 -14.05
C SER A 33 -36.19 6.89 -13.43
N VAL A 34 -35.03 6.82 -14.07
CA VAL A 34 -33.84 7.49 -13.55
C VAL A 34 -32.81 7.82 -14.64
N PHE A 35 -32.09 8.92 -14.44
CA PHE A 35 -31.02 9.33 -15.35
C PHE A 35 -30.03 10.19 -14.56
N GLY A 36 -28.83 10.42 -15.10
CA GLY A 36 -27.82 11.16 -14.34
C GLY A 36 -26.69 11.77 -15.12
N TYR A 37 -25.83 12.47 -14.40
CA TYR A 37 -24.71 13.20 -14.97
C TYR A 37 -23.40 12.81 -14.31
N ASN A 38 -22.40 12.54 -15.15
CA ASN A 38 -21.02 12.31 -14.73
C ASN A 38 -20.20 13.35 -15.48
N ARG A 39 -19.32 14.06 -14.79
CA ARG A 39 -18.45 15.06 -15.44
C ARG A 39 -17.55 14.37 -16.47
N SER A 40 -16.99 13.24 -16.07
CA SER A 40 -16.14 12.41 -16.93
C SER A 40 -16.86 11.96 -18.20
N ARG A 41 -16.37 12.42 -19.34
CA ARG A 41 -16.90 12.02 -20.64
C ARG A 41 -16.76 10.49 -20.81
N SER A 42 -15.62 9.93 -20.38
CA SER A 42 -15.38 8.48 -20.39
C SER A 42 -16.44 7.72 -19.58
N GLY A 43 -16.63 8.11 -18.33
CA GLY A 43 -17.59 7.49 -17.42
C GLY A 43 -19.03 7.50 -17.94
N ALA A 44 -19.43 8.63 -18.53
CA ALA A 44 -20.78 8.74 -19.10
C ALA A 44 -20.94 7.70 -20.20
N LYS A 45 -20.01 7.72 -21.15
CA LYS A 45 -19.97 6.79 -22.29
C LYS A 45 -20.05 5.34 -21.83
N SER A 46 -19.30 5.03 -20.77
CA SER A 46 -19.23 3.67 -20.22
C SER A 46 -20.59 3.22 -19.69
N ALA A 47 -21.23 4.07 -18.89
CA ALA A 47 -22.55 3.79 -18.33
C ALA A 47 -23.63 3.74 -19.42
N VAL A 48 -23.58 4.65 -20.39
CA VAL A 48 -24.55 4.61 -21.49
C VAL A 48 -24.41 3.32 -22.28
N ASP A 49 -23.18 2.87 -22.45
CA ASP A 49 -22.93 1.65 -23.19
C ASP A 49 -23.39 0.40 -22.43
N GLU A 50 -23.43 0.48 -21.10
CA GLU A 50 -23.89 -0.65 -20.29
C GLU A 50 -25.42 -0.71 -20.17
N GLY A 51 -26.11 0.32 -20.70
CA GLY A 51 -27.57 0.37 -20.69
C GLY A 51 -28.18 1.53 -19.93
N PHE A 52 -27.37 2.24 -19.14
CA PHE A 52 -27.86 3.36 -18.32
C PHE A 52 -28.05 4.66 -19.09
N ASP A 53 -28.88 5.55 -18.56
CA ASP A 53 -29.18 6.84 -19.19
C ASP A 53 -28.36 7.97 -18.52
N VAL A 54 -27.18 8.23 -19.08
CA VAL A 54 -26.22 9.15 -18.47
C VAL A 54 -25.69 10.16 -19.48
N SER A 55 -25.35 11.35 -18.99
CA SER A 55 -24.82 12.43 -19.81
C SER A 55 -23.63 13.11 -19.12
N ALA A 56 -22.82 13.81 -19.88
CA ALA A 56 -21.70 14.57 -19.32
C ALA A 56 -21.94 16.06 -19.54
N ASP A 57 -23.19 16.38 -19.89
CA ASP A 57 -23.61 17.74 -20.19
C ASP A 57 -24.52 18.21 -19.03
N LEU A 58 -23.92 18.91 -18.07
CA LEU A 58 -24.67 19.37 -16.89
C LEU A 58 -25.83 20.30 -17.22
N GLU A 59 -25.61 21.24 -18.13
CA GLU A 59 -26.67 22.16 -18.53
C GLU A 59 -27.85 21.40 -19.14
N ALA A 60 -27.56 20.43 -20.00
CA ALA A 60 -28.60 19.65 -20.66
C ALA A 60 -29.39 18.82 -19.66
N THR A 61 -28.69 18.21 -18.71
CA THR A 61 -29.32 17.36 -17.70
C THR A 61 -30.30 18.17 -16.86
N LEU A 62 -29.86 19.34 -16.39
CA LEU A 62 -30.71 20.19 -15.55
C LEU A 62 -31.91 20.74 -16.31
N GLN A 63 -31.74 21.03 -17.60
CA GLN A 63 -32.83 21.50 -18.45
C GLN A 63 -33.95 20.46 -18.50
N ARG A 64 -33.56 19.21 -18.70
CA ARG A 64 -34.46 18.07 -18.75
C ARG A 64 -35.04 17.79 -17.38
N ALA A 65 -34.19 17.89 -16.36
CA ALA A 65 -34.63 17.67 -14.99
C ALA A 65 -35.75 18.64 -14.69
N ALA A 66 -35.57 19.90 -15.11
CA ALA A 66 -36.58 20.94 -14.91
C ALA A 66 -37.82 20.63 -15.73
N ALA A 67 -37.64 20.13 -16.95
CA ALA A 67 -38.77 19.80 -17.82
C ALA A 67 -39.64 18.68 -17.25
N GLU A 68 -39.03 17.72 -16.56
CA GLU A 68 -39.73 16.53 -16.01
C GLU A 68 -40.05 16.60 -14.51
N ASP A 69 -39.80 17.75 -13.88
CA ASP A 69 -39.92 17.90 -12.42
C ASP A 69 -39.24 16.75 -11.66
N ALA A 70 -38.01 16.43 -12.05
CA ALA A 70 -37.29 15.31 -11.45
C ALA A 70 -36.79 15.65 -10.06
N LEU A 71 -36.72 14.63 -9.21
CA LEU A 71 -36.07 14.78 -7.92
C LEU A 71 -34.58 14.73 -8.23
N ILE A 72 -33.86 15.78 -7.84
CA ILE A 72 -32.43 15.86 -8.14
C ILE A 72 -31.59 15.41 -6.94
N VAL A 73 -30.73 14.41 -7.14
CA VAL A 73 -29.86 13.94 -6.07
C VAL A 73 -28.47 14.51 -6.29
N LEU A 74 -27.99 15.32 -5.35
CA LEU A 74 -26.64 15.84 -5.45
C LEU A 74 -25.71 14.83 -4.78
N ALA A 75 -25.20 13.92 -5.59
CA ALA A 75 -24.32 12.82 -5.15
C ALA A 75 -22.87 13.19 -5.35
N VAL A 76 -22.45 14.25 -4.68
CA VAL A 76 -21.09 14.76 -4.78
C VAL A 76 -20.50 15.00 -3.39
N PRO A 77 -19.17 15.21 -3.30
CA PRO A 77 -18.57 15.51 -2.00
C PRO A 77 -18.90 16.92 -1.52
N THR A 79 -17.27 19.48 -0.78
CA THR A 79 -16.58 20.59 -1.46
C THR A 79 -17.21 20.96 -2.80
N ALA A 80 -18.00 20.04 -3.37
CA ALA A 80 -18.64 20.26 -4.65
C ALA A 80 -20.07 20.79 -4.52
N ILE A 81 -20.65 20.67 -3.33
CA ILE A 81 -22.06 21.05 -3.09
C ILE A 81 -22.47 22.46 -3.55
N ASP A 82 -21.77 23.50 -3.08
CA ASP A 82 -22.13 24.87 -3.43
C ASP A 82 -22.26 25.12 -4.93
N SER A 83 -21.32 24.61 -5.72
CA SER A 83 -21.38 24.86 -7.14
C SER A 83 -22.58 24.13 -7.76
N LEU A 84 -22.92 22.97 -7.23
CA LEU A 84 -24.08 22.23 -7.72
C LEU A 84 -25.40 22.87 -7.23
N LEU A 85 -25.37 23.48 -6.04
CA LEU A 85 -26.54 24.20 -5.56
C LEU A 85 -26.77 25.39 -6.48
N ASP A 86 -25.72 26.16 -6.73
CA ASP A 86 -25.79 27.31 -7.62
C ASP A 86 -26.21 26.90 -9.04
N ALA A 87 -25.76 25.73 -9.48
CA ALA A 87 -26.13 25.24 -10.80
C ALA A 87 -27.62 24.91 -10.89
N VAL A 88 -28.14 24.32 -9.82
CA VAL A 88 -29.54 23.92 -9.74
C VAL A 88 -30.48 25.12 -9.59
N HIS A 89 -30.08 26.04 -8.71
CA HIS A 89 -30.80 27.30 -8.44
C HIS A 89 -31.01 28.10 -9.72
N THR A 90 -30.01 28.05 -10.59
CA THR A 90 -29.97 28.78 -11.84
C THR A 90 -30.61 28.06 -13.03
N HIS A 91 -30.68 26.74 -12.99
CA HIS A 91 -31.20 25.95 -14.12
C HIS A 91 -32.46 25.10 -13.86
N ALA A 92 -32.78 24.81 -12.59
CA ALA A 92 -33.97 24.05 -12.20
C ALA A 92 -34.45 24.60 -10.86
N PRO A 93 -34.86 25.87 -10.85
CA PRO A 93 -35.15 26.56 -9.60
C PRO A 93 -36.40 26.08 -8.88
N ASN A 94 -37.28 25.37 -9.59
CA ASN A 94 -38.50 24.86 -8.98
C ASN A 94 -38.44 23.38 -8.63
N ASN A 95 -37.41 22.68 -9.11
CA ASN A 95 -37.28 21.25 -8.81
C ASN A 95 -36.95 20.98 -7.35
N GLY A 96 -37.46 19.86 -6.83
CA GLY A 96 -37.07 19.38 -5.51
C GLY A 96 -35.70 18.72 -5.60
N PHE A 97 -34.98 18.64 -4.48
CA PHE A 97 -33.65 18.03 -4.50
C PHE A 97 -33.12 17.60 -3.13
N THR A 98 -32.24 16.61 -3.15
CA THR A 98 -31.63 16.09 -1.94
C THR A 98 -30.13 15.88 -2.13
N ASP A 99 -29.39 15.76 -1.02
CA ASP A 99 -27.95 15.54 -1.06
C ASP A 99 -27.61 14.24 -0.34
N VAL A 100 -26.33 13.87 -0.32
CA VAL A 100 -25.91 12.60 0.31
C VAL A 100 -24.74 12.76 1.31
N VAL A 101 -24.42 13.99 1.68
CA VAL A 101 -23.21 14.28 2.43
C VAL A 101 -23.26 13.89 3.91
N SER A 102 -22.12 13.39 4.37
CA SER A 102 -21.85 12.97 5.76
C SER A 102 -22.23 13.98 6.84
N VAL A 103 -22.13 15.28 6.53
CA VAL A 103 -22.50 16.36 7.45
C VAL A 103 -23.71 17.08 6.88
N LYS A 104 -24.62 17.51 7.74
CA LYS A 104 -25.92 18.05 7.30
C LYS A 104 -26.14 19.53 7.61
N THR A 105 -25.67 20.01 8.76
CA THR A 105 -25.87 21.42 9.11
C THR A 105 -25.20 22.32 8.08
N ALA A 106 -23.98 21.97 7.67
CA ALA A 106 -23.25 22.80 6.71
C ALA A 106 -24.01 22.95 5.39
N VAL A 107 -24.69 21.88 4.97
CA VAL A 107 -25.44 21.88 3.71
C VAL A 107 -26.72 22.68 3.85
N TYR A 108 -27.49 22.40 4.90
CA TYR A 108 -28.75 23.10 5.12
C TYR A 108 -28.52 24.61 5.15
N ASP A 109 -27.48 25.04 5.89
CA ASP A 109 -27.07 26.44 5.93
C ASP A 109 -26.83 26.99 4.53
N ALA A 110 -26.07 26.25 3.73
CA ALA A 110 -25.76 26.69 2.37
C ALA A 110 -27.04 26.82 1.56
N VAL A 111 -28.00 25.92 1.80
CA VAL A 111 -29.28 25.95 1.11
C VAL A 111 -30.14 27.15 1.57
N LYS A 112 -30.12 27.42 2.87
CA LYS A 112 -30.89 28.54 3.41
C LYS A 112 -30.33 29.87 2.93
N ALA A 113 -29.00 29.97 2.84
CA ALA A 113 -28.36 31.20 2.36
C ALA A 113 -28.79 31.55 0.92
N ARG A 114 -29.19 30.53 0.16
CA ARG A 114 -29.63 30.68 -1.22
C ARG A 114 -31.16 30.62 -1.35
N ASN A 115 -31.86 30.58 -0.21
CA ASN A 115 -33.34 30.52 -0.17
C ASN A 115 -33.94 29.34 -0.96
N GLN A 117 -34.56 26.38 0.66
CA GLN A 117 -35.13 25.48 1.67
C GLN A 117 -36.54 24.97 1.38
N HIS A 118 -37.30 25.69 0.55
CA HIS A 118 -38.63 25.23 0.17
C HIS A 118 -38.60 24.05 -0.83
N ARG A 119 -37.42 23.70 -1.35
CA ARG A 119 -37.30 22.59 -2.32
C ARG A 119 -36.30 21.49 -1.92
N TYR A 120 -35.77 21.55 -0.71
CA TYR A 120 -34.68 20.69 -0.27
C TYR A 120 -35.06 19.67 0.80
N VAL A 121 -34.58 18.45 0.63
CA VAL A 121 -34.67 17.46 1.68
C VAL A 121 -33.30 16.82 1.88
N GLY A 122 -32.69 17.10 3.03
CA GLY A 122 -31.40 16.52 3.33
C GLY A 122 -31.46 15.01 3.44
N SER A 123 -30.42 14.35 2.97
CA SER A 123 -30.31 12.94 3.22
C SER A 123 -28.86 12.52 3.35
N HIS A 124 -28.66 11.39 4.01
CA HIS A 124 -27.33 10.85 4.24
C HIS A 124 -27.38 9.34 4.33
N PRO A 125 -26.87 8.61 3.32
CA PRO A 125 -26.72 7.16 3.43
C PRO A 125 -25.50 6.78 4.25
N ALA A 127 -23.45 4.71 3.69
CA ALA A 127 -22.68 3.90 2.75
C ALA A 127 -21.18 4.11 3.00
N GLY A 128 -20.37 3.69 2.03
CA GLY A 128 -18.91 3.74 2.15
C GLY A 128 -18.28 5.12 2.03
N THR A 129 -17.12 5.17 1.37
CA THR A 129 -16.28 6.37 1.26
C THR A 129 -16.43 7.10 -0.08
N ALA A 130 -17.15 8.23 -0.06
CA ALA A 130 -17.47 9.06 -1.25
C ALA A 130 -16.52 8.88 -2.46
N SER A 132 -12.96 8.18 -5.53
CA SER A 132 -13.51 7.18 -6.43
CA SER A 132 -13.38 7.19 -6.55
C SER A 132 -14.68 7.53 -7.35
N GLY A 133 -14.59 7.24 -8.66
CA GLY A 133 -15.66 7.55 -9.64
C GLY A 133 -16.64 6.44 -9.97
N TRP A 134 -17.05 6.35 -11.23
CA TRP A 134 -18.10 5.40 -11.69
C TRP A 134 -17.78 3.92 -11.52
N SER A 135 -16.50 3.54 -11.66
CA SER A 135 -16.10 2.14 -11.50
C SER A 135 -16.35 1.66 -10.07
N ALA A 136 -16.52 2.59 -9.14
CA ALA A 136 -16.80 2.27 -7.74
C ALA A 136 -18.25 1.82 -7.49
N SER A 137 -19.14 2.05 -8.46
CA SER A 137 -20.55 1.76 -8.28
C SER A 137 -20.86 0.26 -8.27
N ASP A 139 -24.08 -2.99 -6.97
CA ASP A 139 -25.50 -3.31 -6.73
C ASP A 139 -25.74 -3.59 -5.25
N GLY A 140 -26.94 -3.25 -4.79
CA GLY A 140 -27.36 -3.52 -3.41
C GLY A 140 -26.51 -2.94 -2.31
N LEU A 141 -25.88 -1.79 -2.56
CA LEU A 141 -25.07 -1.12 -1.56
C LEU A 141 -25.89 -0.71 -0.34
N PHE A 142 -27.12 -0.29 -0.59
CA PHE A 142 -27.99 0.27 0.44
C PHE A 142 -28.91 -0.72 1.12
N LYS A 143 -28.92 -1.98 0.67
CA LYS A 143 -29.79 -2.98 1.26
C LYS A 143 -29.47 -3.10 2.75
N ARG A 144 -30.49 -2.89 3.57
CA ARG A 144 -30.37 -2.97 5.04
C ARG A 144 -29.38 -1.94 5.61
N ALA A 145 -29.05 -0.91 4.82
CA ALA A 145 -28.20 0.19 5.29
C ALA A 145 -29.11 1.31 5.75
N VAL A 146 -28.64 2.11 6.70
CA VAL A 146 -29.41 3.24 7.16
C VAL A 146 -29.28 4.39 6.17
N TRP A 147 -30.39 5.06 5.89
CA TRP A 147 -30.41 6.23 5.03
C TRP A 147 -31.15 7.31 5.82
N VAL A 148 -30.42 8.28 6.35
CA VAL A 148 -31.07 9.37 7.07
C VAL A 148 -31.78 10.31 6.09
N VAL A 149 -33.00 10.70 6.42
CA VAL A 149 -33.73 11.71 5.67
C VAL A 149 -34.16 12.80 6.66
N THR A 150 -33.82 14.05 6.36
CA THR A 150 -34.12 15.16 7.25
C THR A 150 -35.55 15.69 7.11
N PHE A 151 -35.93 16.52 8.06
CA PHE A 151 -37.26 17.13 8.12
C PHE A 151 -37.29 18.43 8.94
N ASP A 152 -36.21 19.20 8.88
CA ASP A 152 -36.12 20.42 9.71
C ASP A 152 -37.20 21.44 9.36
N GLN A 153 -37.54 21.53 8.08
CA GLN A 153 -38.54 22.49 7.60
C GLN A 153 -39.88 22.40 8.33
N LEU A 154 -40.22 21.22 8.84
CA LEU A 154 -41.45 21.04 9.59
C LEU A 154 -41.42 21.62 10.99
N PHE A 155 -40.23 21.84 11.57
CA PHE A 155 -40.12 22.32 12.97
C PHE A 155 -39.28 23.58 13.22
N ASP A 156 -38.69 24.17 12.19
CA ASP A 156 -37.92 25.39 12.37
C ASP A 156 -38.70 26.56 11.75
N GLY A 157 -38.04 27.72 11.62
CA GLY A 157 -38.66 28.90 11.06
C GLY A 157 -38.96 28.90 9.57
N THR A 158 -38.91 27.73 8.91
CA THR A 158 -39.25 27.66 7.50
C THR A 158 -40.76 27.50 7.36
N ASP A 159 -41.32 28.24 6.41
CA ASP A 159 -42.77 28.27 6.20
C ASP A 159 -43.13 27.45 4.95
N ILE A 160 -43.19 26.13 5.11
CA ILE A 160 -43.40 25.25 3.97
C ILE A 160 -44.85 24.85 3.77
N ASN A 161 -45.17 24.37 2.57
CA ASN A 161 -46.50 23.90 2.21
C ASN A 161 -46.46 22.46 1.64
N SER A 162 -47.56 22.01 1.05
CA SER A 162 -47.69 20.62 0.59
C SER A 162 -46.64 20.17 -0.44
N THR A 163 -46.18 21.08 -1.29
CA THR A 163 -45.20 20.72 -2.30
C THR A 163 -43.92 20.18 -1.65
N TRP A 164 -43.52 20.77 -0.51
CA TRP A 164 -42.35 20.27 0.22
C TRP A 164 -42.63 18.88 0.78
N ILE A 165 -43.81 18.67 1.34
CA ILE A 165 -44.18 17.35 1.85
C ILE A 165 -44.06 16.33 0.72
N SER A 166 -44.43 16.73 -0.50
CA SER A 166 -44.37 15.86 -1.66
C SER A 166 -42.94 15.47 -2.07
N ILE A 167 -42.01 16.41 -1.95
CA ILE A 167 -40.59 16.15 -2.23
C ILE A 167 -40.04 15.20 -1.16
N TRP A 168 -40.37 15.48 0.09
CA TRP A 168 -39.92 14.66 1.20
C TRP A 168 -40.35 13.21 1.02
N LYS A 169 -41.61 12.99 0.62
CA LYS A 169 -42.11 11.65 0.40
C LYS A 169 -41.29 10.91 -0.66
N ASP A 170 -41.12 11.51 -1.83
CA ASP A 170 -40.33 10.88 -2.88
C ASP A 170 -38.90 10.50 -2.41
N VAL A 171 -38.27 11.33 -1.59
CA VAL A 171 -36.93 11.03 -1.11
C VAL A 171 -36.95 9.78 -0.25
N VAL A 172 -37.99 9.66 0.59
CA VAL A 172 -38.13 8.51 1.46
C VAL A 172 -38.48 7.27 0.63
N GLN A 173 -39.39 7.44 -0.34
CA GLN A 173 -39.76 6.35 -1.22
C GLN A 173 -38.56 5.86 -2.00
N ALA A 175 -35.22 6.13 -1.05
CA ALA A 175 -34.35 5.41 -0.12
C ALA A 175 -34.91 4.02 0.20
N LEU A 176 -36.23 3.92 0.32
CA LEU A 176 -36.87 2.62 0.60
C LEU A 176 -36.84 1.73 -0.65
N ALA A 177 -36.98 2.33 -1.84
CA ALA A 177 -36.95 1.59 -3.11
C ALA A 177 -35.64 0.79 -3.32
N VAL A 178 -34.54 1.22 -2.69
CA VAL A 178 -33.24 0.53 -2.80
C VAL A 178 -32.82 -0.22 -1.51
N GLY A 179 -33.83 -0.74 -0.80
CA GLY A 179 -33.63 -1.54 0.41
C GLY A 179 -33.08 -0.86 1.65
N ALA A 180 -33.12 0.46 1.71
CA ALA A 180 -32.58 1.15 2.87
C ALA A 180 -33.57 1.22 4.01
N GLU A 181 -33.07 1.54 5.19
CA GLU A 181 -33.88 1.76 6.36
C GLU A 181 -33.84 3.25 6.58
N VAL A 182 -34.96 3.94 6.36
CA VAL A 182 -34.99 5.39 6.48
C VAL A 182 -35.16 5.80 7.91
N VAL A 183 -34.18 6.52 8.45
CA VAL A 183 -34.23 7.07 9.80
C VAL A 183 -34.36 8.58 9.65
N PRO A 184 -35.42 9.16 10.22
CA PRO A 184 -35.55 10.59 10.11
C PRO A 184 -34.75 11.30 11.19
N SER A 185 -34.15 12.43 10.86
CA SER A 185 -33.41 13.23 11.84
C SER A 185 -33.29 14.68 11.41
N ARG A 186 -33.34 15.60 12.37
CA ARG A 186 -33.03 16.99 12.07
C ARG A 186 -31.52 17.10 11.99
N VAL A 187 -31.04 18.26 11.53
CA VAL A 187 -29.59 18.44 11.27
C VAL A 187 -28.69 18.40 12.52
N GLY A 188 -29.16 18.92 13.64
CA GLY A 188 -28.37 18.98 14.87
C GLY A 188 -28.15 17.63 15.51
N PRO A 189 -29.25 16.89 15.76
CA PRO A 189 -29.18 15.54 16.30
C PRO A 189 -28.35 14.61 15.43
N HIS A 190 -28.43 14.79 14.11
CA HIS A 190 -27.65 13.97 13.17
C HIS A 190 -26.15 14.23 13.25
N ASP A 191 -25.76 15.51 13.18
CA ASP A 191 -24.35 15.86 13.22
C ASP A 191 -23.76 15.47 14.58
N ALA A 192 -24.56 15.60 15.63
CA ALA A 192 -24.18 15.16 16.97
C ALA A 192 -23.88 13.66 16.95
N ALA A 193 -24.71 12.90 16.25
CA ALA A 193 -24.52 11.47 16.15
C ALA A 193 -23.29 11.13 15.30
N ALA A 194 -23.22 11.69 14.11
CA ALA A 194 -22.11 11.40 13.19
C ALA A 194 -20.77 11.81 13.79
N ALA A 195 -20.77 12.85 14.61
CA ALA A 195 -19.53 13.30 15.26
C ALA A 195 -19.02 12.17 16.14
N ARG A 196 -19.95 11.56 16.87
CA ARG A 196 -19.62 10.49 17.80
C ARG A 196 -19.29 9.19 17.09
N VAL A 197 -20.18 8.71 16.22
CA VAL A 197 -20.05 7.36 15.67
C VAL A 197 -19.25 7.22 14.38
N SER A 198 -18.84 8.33 13.78
CA SER A 198 -18.13 8.29 12.52
C SER A 198 -16.91 9.20 12.46
N HIS A 199 -17.09 10.46 12.84
CA HIS A 199 -16.01 11.43 12.77
C HIS A 199 -14.96 11.18 13.85
N LEU A 200 -15.38 11.03 15.12
CA LEU A 200 -14.44 10.67 16.18
C LEU A 200 -13.81 9.33 15.87
N THR A 201 -14.60 8.42 15.28
CA THR A 201 -14.10 7.11 14.89
C THR A 201 -12.88 7.31 13.99
N HIS A 202 -13.03 8.18 13.01
CA HIS A 202 -11.92 8.51 12.11
C HIS A 202 -10.74 9.21 12.79
N ILE A 203 -11.01 10.13 13.71
CA ILE A 203 -9.94 10.82 14.43
C ILE A 203 -9.11 9.84 15.26
N LEU A 204 -9.78 8.97 15.99
CA LEU A 204 -9.11 7.97 16.83
C LEU A 204 -8.31 6.99 15.97
N ALA A 205 -8.85 6.63 14.81
CA ALA A 205 -8.15 5.75 13.87
C ALA A 205 -6.82 6.34 13.38
N GLU A 206 -6.82 7.62 13.05
CA GLU A 206 -5.57 8.28 12.63
C GLU A 206 -4.57 8.26 13.79
N THR A 207 -5.06 8.65 14.96
CA THR A 207 -4.24 8.76 16.16
C THR A 207 -3.53 7.45 16.48
N LEU A 208 -4.27 6.35 16.38
CA LEU A 208 -3.74 5.03 16.70
C LEU A 208 -2.67 4.63 15.70
N ALA A 209 -2.88 4.94 14.43
CA ALA A 209 -1.90 4.58 13.41
C ALA A 209 -0.56 5.27 13.65
N ILE A 210 -0.62 6.53 14.07
CA ILE A 210 0.58 7.31 14.35
C ILE A 210 1.33 6.74 15.55
N VAL A 211 0.62 6.54 16.66
CA VAL A 211 1.22 5.99 17.87
C VAL A 211 1.86 4.62 17.62
N GLY A 212 1.25 3.83 16.75
CA GLY A 212 1.79 2.53 16.38
C GLY A 212 3.02 2.67 15.49
N ASP A 213 2.91 3.53 14.49
CA ASP A 213 4.04 3.82 13.59
C ASP A 213 5.23 4.38 14.37
N ASN A 214 4.95 5.23 15.37
CA ASN A 214 6.00 5.78 16.23
C ASN A 214 6.82 4.70 16.90
N GLY A 215 6.20 3.55 17.16
CA GLY A 215 6.88 2.42 17.81
C GLY A 215 7.93 1.72 16.96
N GLY A 216 7.97 2.03 15.66
CA GLY A 216 8.96 1.47 14.76
C GLY A 216 8.69 0.04 14.36
N ALA A 217 9.76 -0.68 13.99
CA ALA A 217 9.67 -2.01 13.39
C ALA A 217 8.94 -3.06 14.25
N LEU A 218 9.35 -3.19 15.50
CA LEU A 218 8.74 -4.19 16.36
C LEU A 218 7.22 -3.95 16.49
N SER A 219 6.81 -2.69 16.67
CA SER A 219 5.40 -2.39 16.87
C SER A 219 4.54 -2.78 15.67
N LEU A 220 4.97 -2.39 14.49
CA LEU A 220 4.23 -2.70 13.28
C LEU A 220 4.23 -4.20 13.01
N SER A 221 5.29 -4.90 13.45
CA SER A 221 5.40 -6.35 13.29
C SER A 221 4.44 -7.07 14.22
N LEU A 222 4.40 -6.62 15.47
CA LEU A 222 3.53 -7.26 16.49
C LEU A 222 2.06 -6.86 16.41
N ALA A 223 1.72 -5.84 15.62
CA ALA A 223 0.33 -5.44 15.51
C ALA A 223 -0.47 -6.63 14.99
N ALA A 224 -1.69 -6.79 15.51
CA ALA A 224 -2.57 -7.92 15.14
C ALA A 224 -3.98 -7.45 14.76
N GLY A 225 -4.93 -8.39 14.75
CA GLY A 225 -6.31 -8.13 14.30
C GLY A 225 -6.99 -6.91 14.87
N SER A 226 -6.81 -6.67 16.17
CA SER A 226 -7.42 -5.52 16.80
C SER A 226 -6.90 -4.22 16.19
N TYR A 227 -5.60 -4.18 15.94
CA TYR A 227 -4.96 -3.00 15.35
C TYR A 227 -5.36 -2.79 13.91
N ARG A 228 -5.35 -3.86 13.13
CA ARG A 228 -5.82 -3.82 11.75
C ARG A 228 -7.18 -3.18 11.68
N ASP A 229 -8.10 -3.64 12.53
CA ASP A 229 -9.48 -3.16 12.54
C ASP A 229 -9.62 -1.71 12.99
N SER A 230 -8.92 -1.36 14.06
CA SER A 230 -9.02 -0.02 14.63
C SER A 230 -8.31 1.05 13.82
N THR A 231 -7.40 0.66 12.91
CA THR A 231 -6.72 1.64 12.06
C THR A 231 -7.16 1.59 10.58
N ARG A 232 -8.16 0.77 10.27
CA ARG A 232 -8.60 0.56 8.88
C ARG A 232 -9.06 1.84 8.20
N VAL A 233 -9.95 2.58 8.85
CA VAL A 233 -10.48 3.81 8.28
C VAL A 233 -9.44 4.95 8.16
N ALA A 234 -8.25 4.73 8.72
CA ALA A 234 -7.12 5.66 8.57
C ALA A 234 -6.56 5.52 7.16
N GLY A 235 -7.04 4.50 6.45
CA GLY A 235 -6.72 4.29 5.06
C GLY A 235 -7.56 5.16 4.14
N THR A 236 -8.72 5.62 4.61
CA THR A 236 -9.53 6.49 3.75
C THR A 236 -8.75 7.75 3.42
N ASP A 237 -9.25 8.49 2.45
CA ASP A 237 -8.53 9.62 1.89
C ASP A 237 -8.45 10.80 2.85
N PRO A 238 -7.24 11.36 3.00
CA PRO A 238 -7.08 12.53 3.86
C PRO A 238 -8.04 13.66 3.49
N GLY A 239 -8.27 13.89 2.19
CA GLY A 239 -9.18 14.94 1.74
C GLY A 239 -10.57 14.77 2.34
N LEU A 240 -11.06 13.54 2.34
CA LEU A 240 -12.40 13.23 2.87
C LEU A 240 -12.47 13.31 4.39
N VAL A 241 -11.47 12.72 5.06
CA VAL A 241 -11.42 12.74 6.53
C VAL A 241 -11.46 14.18 7.03
N ARG A 242 -10.75 15.06 6.33
CA ARG A 242 -10.76 16.50 6.64
C ARG A 242 -12.10 17.16 6.36
N ALA A 243 -12.73 16.78 5.25
CA ALA A 243 -14.04 17.31 4.84
C ALA A 243 -15.08 17.05 5.93
N CYS A 245 -14.71 16.02 9.16
CA CYS A 245 -14.40 16.61 10.46
C CYS A 245 -14.46 18.11 10.50
N GLU A 246 -13.94 18.75 9.46
CA GLU A 246 -13.92 20.22 9.41
C GLU A 246 -15.32 20.79 9.24
N SER A 247 -16.11 20.16 8.35
CA SER A 247 -17.53 20.53 8.18
C SER A 247 -18.31 20.47 9.49
N ASN A 248 -17.96 19.50 10.34
CA ASN A 248 -18.67 19.25 11.60
C ASN A 248 -17.80 19.46 12.84
N ALA A 249 -16.91 20.45 12.79
CA ALA A 249 -15.97 20.72 13.88
C ALA A 249 -16.65 20.96 15.22
N GLY A 250 -17.75 21.70 15.20
CA GLY A 250 -18.44 22.06 16.44
C GLY A 250 -18.85 20.82 17.22
N PRO A 251 -19.83 20.07 16.70
CA PRO A 251 -20.27 18.84 17.34
C PRO A 251 -19.16 17.80 17.54
N LEU A 252 -18.14 17.79 16.68
CA LEU A 252 -17.00 16.89 16.84
C LEU A 252 -16.18 17.22 18.08
N VAL A 253 -15.93 18.50 18.32
CA VAL A 253 -15.17 18.91 19.50
C VAL A 253 -15.90 18.50 20.78
N LYS A 254 -17.22 18.63 20.81
CA LYS A 254 -17.99 18.18 21.99
C LYS A 254 -17.77 16.69 22.20
N ALA A 255 -17.78 15.96 21.09
CA ALA A 255 -17.54 14.51 21.10
C ALA A 255 -16.10 14.20 21.52
N LEU A 256 -15.12 14.86 20.91
CA LEU A 256 -13.71 14.64 21.23
C LEU A 256 -13.40 14.98 22.69
N ASP A 257 -14.07 15.99 23.25
CA ASP A 257 -13.89 16.37 24.65
C ASP A 257 -14.38 15.30 25.60
N GLU A 258 -15.42 14.59 25.20
CA GLU A 258 -15.89 13.47 25.99
C GLU A 258 -14.81 12.38 25.96
N ALA A 259 -14.24 12.16 24.77
CA ALA A 259 -13.19 11.18 24.61
C ALA A 259 -11.97 11.52 25.50
N LEU A 260 -11.56 12.79 25.50
CA LEU A 260 -10.42 13.23 26.31
C LEU A 260 -10.70 13.12 27.81
N ALA A 261 -11.92 13.43 28.22
CA ALA A 261 -12.28 13.30 29.62
C ALA A 261 -12.16 11.85 30.06
N ILE A 262 -12.72 10.94 29.26
CA ILE A 262 -12.70 9.50 29.58
C ILE A 262 -11.27 9.00 29.61
N LEU A 263 -10.48 9.39 28.62
CA LEU A 263 -9.07 9.00 28.53
C LEU A 263 -8.21 9.58 29.66
N HIS A 264 -8.54 10.78 30.12
CA HIS A 264 -7.85 11.36 31.27
C HIS A 264 -8.15 10.53 32.52
N GLU A 265 -9.43 10.24 32.74
CA GLU A 265 -9.86 9.38 33.85
C GLU A 265 -9.15 8.02 33.77
N ALA A 266 -9.04 7.48 32.55
CA ALA A 266 -8.34 6.23 32.31
C ALA A 266 -6.88 6.34 32.73
N ARG A 267 -6.25 7.46 32.40
CA ARG A 267 -4.86 7.70 32.76
C ARG A 267 -4.69 7.86 34.28
N GLU A 268 -5.54 8.64 34.92
CA GLU A 268 -5.53 8.75 36.38
C GLU A 268 -5.49 7.35 36.96
N GLY A 269 -6.35 6.48 36.43
CA GLY A 269 -6.47 5.12 36.90
C GLY A 269 -5.24 4.24 36.73
N LEU A 270 -4.59 4.33 35.57
CA LEU A 270 -3.39 3.53 35.31
C LEU A 270 -2.18 4.02 36.09
N THR A 271 -2.18 5.29 36.50
CA THR A 271 -1.06 5.86 37.25
C THR A 271 -1.23 5.79 38.79
N ALA A 272 -2.24 5.08 39.27
CA ALA A 272 -2.44 4.93 40.72
C ALA A 272 -1.51 3.87 41.32
N GLU A 273 -1.31 3.91 42.64
CA GLU A 273 -0.45 2.93 43.33
C GLU A 273 -0.82 1.51 42.88
N GLN A 274 -2.12 1.26 42.78
CA GLN A 274 -2.65 0.02 42.22
C GLN A 274 -3.37 0.40 40.92
N PRO A 275 -2.75 0.13 39.76
CA PRO A 275 -3.34 0.50 38.46
C PRO A 275 -4.72 -0.11 38.26
N ASN A 276 -5.68 0.72 37.85
CA ASN A 276 -7.06 0.30 37.73
C ASN A 276 -7.85 1.04 36.66
N ILE A 277 -8.53 0.29 35.79
CA ILE A 277 -9.42 0.87 34.79
C ILE A 277 -10.77 0.14 34.75
N GLU A 278 -11.33 -0.19 35.92
CA GLU A 278 -12.65 -0.82 35.98
C GLU A 278 -13.68 -0.02 35.23
N GLN A 279 -13.82 1.25 35.63
CA GLN A 279 -14.82 2.13 35.03
C GLN A 279 -14.75 2.12 33.49
N LEU A 280 -13.57 2.37 32.93
CA LEU A 280 -13.43 2.36 31.48
C LEU A 280 -13.83 1.01 30.88
N ALA A 281 -13.38 -0.07 31.53
CA ALA A 281 -13.61 -1.42 31.04
C ALA A 281 -15.06 -1.89 31.16
N ASP A 282 -15.70 -1.72 32.32
CA ASP A 282 -17.08 -2.13 32.52
CA ASP A 282 -17.09 -2.17 32.48
C ASP A 282 -17.98 -1.28 31.61
N ASN A 283 -17.75 0.04 31.61
CA ASN A 283 -18.54 0.97 30.77
C ASN A 283 -18.41 0.72 29.26
N GLY A 284 -17.17 0.50 28.83
CA GLY A 284 -16.90 0.22 27.42
C GLY A 284 -17.61 -1.04 26.96
N TYR A 285 -17.45 -2.11 27.74
CA TYR A 285 -18.07 -3.39 27.44
C TYR A 285 -19.58 -3.28 27.33
N ARG A 286 -20.16 -2.57 28.29
CA ARG A 286 -21.60 -2.47 28.40
C ARG A 286 -22.13 -1.69 27.20
N SER A 287 -21.43 -0.63 26.84
CA SER A 287 -21.80 0.21 25.71
C SER A 287 -21.71 -0.56 24.41
N ARG A 288 -20.62 -1.29 24.23
CA ARG A 288 -20.44 -2.14 23.07
C ARG A 288 -21.53 -3.20 22.98
N ILE A 289 -21.97 -3.74 24.11
CA ILE A 289 -23.03 -4.73 24.11
C ILE A 289 -24.34 -4.11 23.67
N ARG A 290 -24.61 -2.88 24.13
CA ARG A 290 -25.81 -2.15 23.69
C ARG A 290 -25.80 -1.89 22.18
N TYR A 291 -24.64 -1.58 21.62
CA TYR A 291 -24.52 -1.37 20.17
C TYR A 291 -24.83 -2.68 19.40
N GLU A 292 -24.12 -3.75 19.74
CA GLU A 292 -24.33 -5.05 19.10
C GLU A 292 -25.78 -5.47 19.18
N ALA A 293 -26.37 -5.32 20.36
CA ALA A 293 -27.77 -5.66 20.61
C ALA A 293 -28.71 -5.06 19.56
N ARG A 294 -28.51 -3.81 19.16
CA ARG A 294 -29.36 -3.22 18.14
C ARG A 294 -28.75 -3.25 16.72
N SER A 295 -28.04 -4.34 16.42
CA SER A 295 -27.47 -4.63 15.11
C SER A 295 -27.33 -6.19 15.03
N GLY A 296 -26.12 -6.68 14.72
CA GLY A 296 -25.79 -8.11 14.75
C GLY A 296 -24.56 -8.36 15.61
N GLN A 297 -24.37 -9.61 16.04
CA GLN A 297 -23.25 -10.07 16.88
C GLN A 297 -22.03 -9.13 16.94
N SER A 310 -30.45 -6.45 12.87
CA SER A 310 -30.93 -5.07 13.07
C SER A 310 -32.22 -5.01 13.89
N SER A 311 -32.08 -4.66 15.17
CA SER A 311 -33.23 -4.52 16.07
C SER A 311 -33.65 -3.06 16.27
N ARG A 312 -33.52 -2.24 15.22
CA ARG A 312 -34.03 -0.87 15.27
C ARG A 312 -35.57 -0.93 15.29
N PRO A 313 -36.20 -0.11 16.16
CA PRO A 313 -37.66 -0.05 16.15
C PRO A 313 -38.18 0.55 14.85
N VAL A 314 -39.45 0.30 14.55
CA VAL A 314 -40.04 0.76 13.30
C VAL A 314 -41.38 1.46 13.53
N LEU A 315 -41.42 2.75 13.18
CA LEU A 315 -42.65 3.53 13.24
C LEU A 315 -43.21 3.71 11.85
N ARG A 316 -44.53 3.61 11.74
CA ARG A 316 -45.25 3.79 10.49
C ARG A 316 -45.90 5.17 10.46
N LEU A 317 -45.40 6.06 9.61
CA LEU A 317 -45.95 7.40 9.48
C LEU A 317 -47.10 7.37 8.49
N HIS A 318 -48.04 8.30 8.66
CA HIS A 318 -49.14 8.45 7.73
C HIS A 318 -49.23 9.92 7.35
N PRO A 319 -48.32 10.38 6.49
CA PRO A 319 -48.36 11.77 6.03
C PRO A 319 -49.80 12.18 5.68
N GLY A 320 -50.20 13.37 6.09
CA GLY A 320 -51.57 13.85 5.88
C GLY A 320 -52.35 13.84 7.18
N THR A 321 -52.36 12.70 7.87
CA THR A 321 -53.04 12.56 9.17
C THR A 321 -52.56 13.61 10.17
N PRO A 322 -53.48 14.12 11.01
CA PRO A 322 -53.07 15.04 12.05
C PRO A 322 -51.90 14.55 12.91
N ASN A 323 -51.02 15.50 13.25
CA ASN A 323 -49.92 15.25 14.18
C ASN A 323 -48.94 14.16 13.76
N TRP A 324 -48.91 13.82 12.47
CA TRP A 324 -47.98 12.80 11.98
C TRP A 324 -46.54 13.28 12.16
N GLU A 325 -46.33 14.59 11.99
CA GLU A 325 -45.02 15.21 12.13
C GLU A 325 -44.36 14.83 13.45
N LYS A 326 -45.12 14.82 14.54
CA LYS A 326 -44.54 14.51 15.85
C LYS A 326 -43.94 13.10 15.88
N GLN A 327 -44.44 12.21 15.03
CA GLN A 327 -43.87 10.86 14.92
C GLN A 327 -42.44 10.88 14.35
N LEU A 328 -42.10 11.91 13.58
CA LEU A 328 -40.74 12.07 13.06
C LEU A 328 -39.75 12.38 14.18
N ILE A 329 -40.15 13.21 15.14
CA ILE A 329 -39.31 13.52 16.31
C ILE A 329 -39.20 12.28 17.21
N HIS A 330 -40.32 11.56 17.33
CA HIS A 330 -40.37 10.33 18.12
C HIS A 330 -39.42 9.31 17.51
N ALA A 331 -39.34 9.27 16.18
CA ALA A 331 -38.44 8.35 15.49
C ALA A 331 -36.98 8.78 15.67
N GLU A 332 -36.76 10.09 15.67
CA GLU A 332 -35.43 10.67 15.84
C GLU A 332 -34.83 10.31 17.20
N THR A 333 -35.62 10.50 18.25
CA THR A 333 -35.19 10.22 19.62
C THR A 333 -34.85 8.74 19.80
N LEU A 334 -35.62 7.89 19.14
CA LEU A 334 -35.49 6.46 19.25
C LEU A 334 -34.55 5.85 18.22
N GLY A 335 -34.16 6.61 17.21
CA GLY A 335 -33.36 6.07 16.11
C GLY A 335 -34.19 5.06 15.33
N ALA A 336 -35.51 5.24 15.36
CA ALA A 336 -36.41 4.33 14.68
C ALA A 336 -36.32 4.55 13.17
N ARG A 337 -36.38 3.45 12.42
CA ARG A 337 -36.50 3.54 10.98
C ARG A 337 -37.98 3.72 10.72
N ILE A 338 -38.36 4.19 9.54
CA ILE A 338 -39.77 4.42 9.23
C ILE A 338 -40.23 3.80 7.93
N GLU A 339 -41.54 3.53 7.87
CA GLU A 339 -42.20 3.01 6.68
C GLU A 339 -43.47 3.85 6.51
N VAL A 340 -43.63 4.50 5.36
CA VAL A 340 -44.76 5.42 5.17
C VAL A 340 -45.94 4.78 4.41
N PHE A 341 -47.09 4.73 5.07
CA PHE A 341 -48.33 4.23 4.45
C PHE A 341 -49.28 5.36 4.09
N ASP B 6 11.58 -30.50 14.38
CA ASP B 6 10.36 -30.55 15.26
C ASP B 6 10.75 -30.49 16.74
N ILE B 7 9.78 -30.75 17.63
CA ILE B 7 9.97 -30.58 19.07
C ILE B 7 10.55 -31.84 19.70
N SER B 8 11.60 -31.68 20.50
CA SER B 8 12.27 -32.82 21.14
C SER B 8 11.50 -33.42 22.32
N ARG B 9 10.76 -32.58 23.03
CA ARG B 9 10.01 -32.98 24.23
C ARG B 9 8.51 -33.03 23.98
N PRO B 10 7.79 -33.86 24.76
CA PRO B 10 6.33 -33.78 24.70
C PRO B 10 5.87 -32.47 25.34
N VAL B 11 4.69 -32.00 24.95
CA VAL B 11 4.18 -30.74 25.47
C VAL B 11 3.19 -30.99 26.61
N CYS B 12 3.30 -30.19 27.67
CA CYS B 12 2.34 -30.21 28.77
C CYS B 12 1.67 -28.83 28.86
N ILE B 13 0.38 -28.78 28.55
CA ILE B 13 -0.33 -27.51 28.50
C ILE B 13 -1.20 -27.30 29.75
N LEU B 14 -0.78 -26.38 30.60
CA LEU B 14 -1.50 -26.03 31.83
C LEU B 14 -2.49 -24.90 31.53
N GLY B 15 -3.77 -25.24 31.45
CA GLY B 15 -4.81 -24.28 31.05
C GLY B 15 -5.17 -24.52 29.59
N LEU B 16 -6.45 -24.81 29.34
CA LEU B 16 -6.89 -25.23 28.02
C LEU B 16 -8.08 -24.42 27.51
N GLY B 17 -7.89 -23.12 27.39
CA GLY B 17 -8.88 -22.22 26.81
C GLY B 17 -8.59 -21.98 25.33
N LEU B 18 -8.78 -20.75 24.86
CA LEU B 18 -8.50 -20.43 23.47
C LEU B 18 -7.06 -20.81 23.14
N ILE B 19 -6.11 -20.22 23.84
CA ILE B 19 -4.69 -20.42 23.53
C ILE B 19 -4.25 -21.87 23.74
N GLY B 20 -4.23 -22.31 25.00
CA GLY B 20 -3.78 -23.66 25.36
C GLY B 20 -4.58 -24.77 24.73
N GLY B 21 -5.90 -24.57 24.63
CA GLY B 21 -6.79 -25.54 24.02
C GLY B 21 -6.48 -25.69 22.55
N SER B 22 -6.30 -24.57 21.85
CA SER B 22 -5.96 -24.60 20.43
C SER B 22 -4.57 -25.20 20.19
N LEU B 23 -3.63 -24.90 21.10
CA LEU B 23 -2.27 -25.44 21.00
C LEU B 23 -2.29 -26.97 21.13
N LEU B 24 -3.17 -27.48 21.98
CA LEU B 24 -3.33 -28.92 22.15
C LEU B 24 -3.83 -29.57 20.86
N ARG B 25 -4.88 -29.01 20.28
CA ARG B 25 -5.49 -29.56 19.05
C ARG B 25 -4.52 -29.67 17.88
N ASP B 26 -3.69 -28.65 17.68
CA ASP B 26 -2.73 -28.63 16.58
C ASP B 26 -1.62 -29.65 16.79
N LEU B 27 -1.05 -29.67 17.99
CA LEU B 27 0.00 -30.64 18.31
C LEU B 27 -0.52 -32.08 18.22
N HIS B 28 -1.80 -32.29 18.56
CA HIS B 28 -2.44 -33.60 18.44
C HIS B 28 -2.67 -33.95 16.97
N ALA B 29 -3.19 -32.98 16.19
CA ALA B 29 -3.40 -33.18 14.75
C ALA B 29 -2.07 -33.45 14.04
N ALA B 30 -1.02 -32.70 14.42
CA ALA B 30 0.34 -32.90 13.88
C ALA B 30 0.97 -34.22 14.38
N ASN B 31 0.23 -34.95 15.21
CA ASN B 31 0.64 -36.25 15.74
C ASN B 31 1.87 -36.20 16.67
N HIS B 32 2.14 -35.02 17.24
CA HIS B 32 3.21 -34.89 18.21
CA HIS B 32 3.23 -34.87 18.22
C HIS B 32 2.68 -35.32 19.58
N SER B 33 3.58 -35.72 20.47
CA SER B 33 3.21 -36.18 21.82
C SER B 33 2.73 -34.98 22.64
N VAL B 34 1.49 -35.03 23.16
CA VAL B 34 0.93 -33.88 23.91
C VAL B 34 -0.21 -34.25 24.89
N PHE B 35 -0.22 -33.55 26.03
CA PHE B 35 -1.21 -33.77 27.09
C PHE B 35 -1.39 -32.49 27.89
N GLY B 36 -2.56 -32.31 28.51
CA GLY B 36 -2.87 -31.06 29.22
C GLY B 36 -3.74 -31.15 30.45
N TYR B 37 -3.98 -29.98 31.06
CA TYR B 37 -4.74 -29.87 32.31
C TYR B 37 -5.76 -28.75 32.25
N ASN B 38 -6.91 -28.97 32.89
CA ASN B 38 -7.96 -27.96 32.97
C ASN B 38 -8.60 -28.01 34.37
N ARG B 39 -8.62 -26.86 35.06
CA ARG B 39 -9.24 -26.77 36.38
C ARG B 39 -10.70 -27.23 36.31
N SER B 40 -11.42 -26.69 35.33
CA SER B 40 -12.82 -27.07 35.11
C SER B 40 -12.89 -28.58 34.91
N ARG B 41 -13.51 -29.28 35.86
CA ARG B 41 -13.66 -30.73 35.76
C ARG B 41 -14.53 -31.08 34.55
N SER B 42 -15.54 -30.26 34.30
CA SER B 42 -16.44 -30.41 33.16
C SER B 42 -15.69 -30.25 31.84
N GLY B 43 -14.92 -29.17 31.73
CA GLY B 43 -14.12 -28.92 30.54
C GLY B 43 -13.09 -30.01 30.25
N ALA B 44 -12.65 -30.73 31.27
CA ALA B 44 -11.71 -31.82 31.09
C ALA B 44 -12.45 -33.02 30.50
N LYS B 45 -13.70 -33.23 30.94
CA LYS B 45 -14.50 -34.35 30.48
C LYS B 45 -14.83 -34.17 29.00
N SER B 46 -15.14 -32.94 28.60
CA SER B 46 -15.45 -32.62 27.20
C SER B 46 -14.28 -33.01 26.32
N ALA B 47 -13.09 -32.59 26.72
CA ALA B 47 -11.85 -32.88 25.99
C ALA B 47 -11.61 -34.39 25.86
N VAL B 48 -11.72 -35.11 26.98
CA VAL B 48 -11.52 -36.57 26.98
C VAL B 48 -12.56 -37.26 26.12
N ASP B 49 -13.78 -36.72 26.12
CA ASP B 49 -14.88 -37.26 25.30
C ASP B 49 -14.75 -36.90 23.80
N GLU B 50 -13.75 -36.10 23.46
CA GLU B 50 -13.44 -35.81 22.06
C GLU B 50 -12.14 -36.51 21.64
N GLY B 51 -11.56 -37.32 22.54
CA GLY B 51 -10.35 -38.10 22.26
C GLY B 51 -9.03 -37.50 22.72
N PHE B 52 -9.08 -36.36 23.41
CA PHE B 52 -7.84 -35.68 23.86
C PHE B 52 -7.36 -36.10 25.26
N ASP B 53 -6.04 -36.04 25.45
CA ASP B 53 -5.39 -36.46 26.70
C ASP B 53 -5.37 -35.32 27.74
N VAL B 54 -6.52 -35.08 28.36
CA VAL B 54 -6.71 -33.97 29.30
C VAL B 54 -7.09 -34.46 30.70
N SER B 55 -6.59 -33.76 31.72
CA SER B 55 -6.84 -34.11 33.12
C SER B 55 -7.27 -32.89 33.95
N ALA B 56 -8.00 -33.16 35.05
CA ALA B 56 -8.37 -32.11 36.00
C ALA B 56 -7.50 -32.13 37.25
N ASP B 57 -6.62 -33.13 37.35
CA ASP B 57 -5.75 -33.32 38.52
C ASP B 57 -4.41 -32.63 38.27
N LEU B 58 -4.27 -31.42 38.80
CA LEU B 58 -3.07 -30.61 38.58
C LEU B 58 -1.80 -31.27 39.09
N GLU B 59 -1.84 -31.75 40.33
CA GLU B 59 -0.65 -32.35 40.94
C GLU B 59 -0.14 -33.53 40.11
N ALA B 60 -1.06 -34.39 39.70
CA ALA B 60 -0.72 -35.58 38.90
C ALA B 60 -0.21 -35.19 37.51
N THR B 61 -0.74 -34.11 36.96
CA THR B 61 -0.28 -33.64 35.66
C THR B 61 1.17 -33.15 35.76
N LEU B 62 1.51 -32.47 36.85
CA LEU B 62 2.89 -31.98 37.04
C LEU B 62 3.84 -33.14 37.31
N GLN B 63 3.43 -34.10 38.12
CA GLN B 63 4.26 -35.28 38.39
C GLN B 63 4.54 -36.06 37.10
N ARG B 64 3.58 -36.04 36.18
CA ARG B 64 3.74 -36.68 34.87
C ARG B 64 4.65 -35.84 33.98
N ALA B 65 4.55 -34.52 34.09
CA ALA B 65 5.41 -33.62 33.34
C ALA B 65 6.85 -33.73 33.86
N ALA B 66 7.01 -34.05 35.15
CA ALA B 66 8.31 -34.26 35.76
C ALA B 66 8.98 -35.57 35.30
N ALA B 67 8.17 -36.60 35.09
CA ALA B 67 8.65 -37.92 34.65
C ALA B 67 8.85 -38.05 33.14
N GLU B 68 8.50 -37.01 32.37
CA GLU B 68 8.71 -37.01 30.92
C GLU B 68 9.62 -35.87 30.47
N ASP B 69 10.11 -35.06 31.42
CA ASP B 69 10.90 -33.88 31.10
C ASP B 69 10.16 -33.01 30.08
N ALA B 70 8.83 -32.92 30.25
CA ALA B 70 7.98 -32.22 29.29
C ALA B 70 8.20 -30.72 29.31
N LEU B 71 7.79 -30.06 28.22
CA LEU B 71 7.80 -28.60 28.13
C LEU B 71 6.47 -28.12 28.67
N ILE B 72 6.51 -27.32 29.73
CA ILE B 72 5.30 -26.84 30.39
C ILE B 72 4.88 -25.49 29.84
N VAL B 73 3.65 -25.43 29.31
CA VAL B 73 3.09 -24.21 28.75
C VAL B 73 2.03 -23.70 29.71
N LEU B 74 2.23 -22.49 30.23
CA LEU B 74 1.26 -21.87 31.12
C LEU B 74 0.27 -21.07 30.29
N ALA B 75 -0.86 -21.70 29.96
CA ALA B 75 -1.91 -21.06 29.16
C ALA B 75 -3.08 -20.63 30.05
N VAL B 76 -2.75 -19.85 31.08
CA VAL B 76 -3.71 -19.32 32.04
C VAL B 76 -3.62 -17.78 32.05
N PRO B 77 -4.60 -17.11 32.69
CA PRO B 77 -4.52 -15.64 32.78
C PRO B 77 -3.48 -15.16 33.78
N THR B 79 -3.61 -13.53 36.32
CA THR B 79 -4.04 -13.65 37.71
C THR B 79 -3.79 -15.06 38.29
N ALA B 80 -3.70 -16.07 37.43
CA ALA B 80 -3.43 -17.46 37.87
C ALA B 80 -1.94 -17.83 37.84
N ILE B 81 -1.12 -16.99 37.24
CA ILE B 81 0.33 -17.23 37.08
C ILE B 81 1.08 -17.39 38.40
N ASP B 82 1.03 -16.39 39.27
CA ASP B 82 1.81 -16.40 40.53
C ASP B 82 1.67 -17.71 41.33
N SER B 83 0.48 -18.29 41.39
CA SER B 83 0.32 -19.55 42.14
C SER B 83 0.75 -20.76 41.29
N LEU B 84 0.57 -20.69 39.97
CA LEU B 84 1.04 -21.77 39.08
C LEU B 84 2.57 -21.92 39.08
N LEU B 85 3.29 -20.82 39.25
CA LEU B 85 4.74 -20.86 39.33
C LEU B 85 5.14 -21.58 40.61
N ASP B 86 4.46 -21.22 41.70
CA ASP B 86 4.66 -21.88 42.98
C ASP B 86 4.45 -23.38 42.83
N ALA B 87 3.43 -23.76 42.08
CA ALA B 87 3.08 -25.16 41.85
C ALA B 87 4.11 -25.91 41.02
N VAL B 88 4.56 -25.28 39.93
CA VAL B 88 5.57 -25.89 39.08
C VAL B 88 6.89 -25.96 39.82
N HIS B 89 7.16 -24.97 40.66
CA HIS B 89 8.38 -24.98 41.47
C HIS B 89 8.41 -26.20 42.39
N THR B 90 7.30 -26.44 43.10
CA THR B 90 7.22 -27.52 44.09
C THR B 90 7.17 -28.91 43.47
N HIS B 91 6.32 -29.07 42.46
CA HIS B 91 6.10 -30.39 41.84
C HIS B 91 6.84 -30.66 40.53
N ALA B 92 7.61 -29.69 40.03
CA ALA B 92 8.36 -29.89 38.77
C ALA B 92 9.47 -28.85 38.56
N PRO B 93 10.49 -28.87 39.44
CA PRO B 93 11.57 -27.88 39.42
C PRO B 93 12.56 -28.03 38.27
N ASN B 94 12.78 -29.27 37.81
CA ASN B 94 13.75 -29.53 36.74
C ASN B 94 13.18 -29.22 35.34
N ASN B 95 11.85 -29.17 35.23
CA ASN B 95 11.21 -28.93 33.94
C ASN B 95 11.42 -27.53 33.38
N GLY B 96 11.51 -27.46 32.05
CA GLY B 96 11.60 -26.20 31.34
C GLY B 96 10.21 -25.72 31.00
N PHE B 97 9.92 -24.45 31.25
CA PHE B 97 8.57 -23.92 31.04
C PHE B 97 8.53 -22.58 30.33
N THR B 98 7.36 -22.30 29.76
CA THR B 98 7.08 -21.07 29.05
C THR B 98 5.65 -20.65 29.39
N ASP B 99 5.26 -19.47 28.90
CA ASP B 99 3.92 -18.97 29.14
C ASP B 99 3.44 -18.24 27.89
N VAL B 100 2.17 -17.88 27.89
CA VAL B 100 1.55 -17.23 26.74
C VAL B 100 0.83 -15.94 27.10
N VAL B 101 1.05 -15.42 28.31
CA VAL B 101 0.40 -14.19 28.77
C VAL B 101 0.69 -12.98 27.85
N SER B 102 -0.27 -12.06 27.76
CA SER B 102 -0.13 -10.88 26.87
C SER B 102 0.87 -9.80 27.33
N VAL B 103 1.32 -9.86 28.58
CA VAL B 103 2.34 -8.94 29.09
C VAL B 103 3.53 -9.76 29.54
N LYS B 104 4.74 -9.32 29.17
CA LYS B 104 5.94 -10.12 29.41
C LYS B 104 6.85 -9.70 30.56
N THR B 105 6.69 -8.49 31.09
CA THR B 105 7.54 -8.06 32.21
C THR B 105 7.06 -8.67 33.53
N ALA B 106 5.79 -8.47 33.87
CA ALA B 106 5.23 -9.03 35.11
C ALA B 106 5.58 -10.51 35.31
N VAL B 107 5.45 -11.30 34.25
CA VAL B 107 5.74 -12.74 34.33
C VAL B 107 7.21 -12.99 34.62
N TYR B 108 8.08 -12.28 33.90
CA TYR B 108 9.52 -12.44 34.07
C TYR B 108 9.97 -11.99 35.47
N ASP B 109 9.31 -11.00 36.06
CA ASP B 109 9.60 -10.60 37.44
C ASP B 109 9.15 -11.68 38.41
N ALA B 110 7.92 -12.18 38.21
CA ALA B 110 7.38 -13.28 39.01
C ALA B 110 8.29 -14.51 38.94
N VAL B 111 8.82 -14.77 37.75
CA VAL B 111 9.76 -15.86 37.54
C VAL B 111 11.07 -15.63 38.32
N LYS B 112 11.64 -14.44 38.19
CA LYS B 112 12.89 -14.10 38.90
C LYS B 112 12.68 -14.08 40.41
N ALA B 113 11.58 -13.49 40.85
CA ALA B 113 11.22 -13.47 42.27
C ALA B 113 11.38 -14.84 42.92
N ARG B 114 11.08 -15.89 42.16
CA ARG B 114 11.13 -17.28 42.64
C ARG B 114 12.37 -18.07 42.14
N ASN B 115 13.39 -17.38 41.64
CA ASN B 115 14.61 -18.03 41.15
CA ASN B 115 14.62 -18.01 41.14
C ASN B 115 14.34 -19.19 40.18
N GLN B 117 14.21 -18.45 36.58
CA GLN B 117 14.65 -17.97 35.26
C GLN B 117 15.66 -18.86 34.53
N HIS B 118 16.25 -19.81 35.23
CA HIS B 118 17.20 -20.73 34.62
C HIS B 118 16.50 -21.81 33.78
N ARG B 119 15.19 -21.99 33.97
CA ARG B 119 14.41 -22.94 33.16
C ARG B 119 13.24 -22.27 32.43
N TYR B 120 13.22 -20.93 32.41
CA TYR B 120 12.11 -20.15 31.83
C TYR B 120 12.39 -19.45 30.50
N VAL B 121 11.51 -19.67 29.55
CA VAL B 121 11.52 -18.97 28.27
C VAL B 121 10.12 -18.38 28.04
N GLY B 122 9.99 -17.07 28.19
CA GLY B 122 8.70 -16.40 28.02
C GLY B 122 8.26 -16.37 26.59
N SER B 123 6.95 -16.36 26.36
CA SER B 123 6.43 -16.23 25.01
C SER B 123 5.02 -15.64 24.96
N HIS B 124 4.63 -15.14 23.79
CA HIS B 124 3.34 -14.49 23.61
C HIS B 124 2.82 -14.61 22.18
N PRO B 125 1.88 -15.53 21.96
CA PRO B 125 1.27 -15.64 20.65
C PRO B 125 0.22 -14.56 20.48
N ALA B 127 -2.68 -14.23 19.41
CA ALA B 127 -3.82 -15.05 19.00
C ALA B 127 -5.14 -14.45 19.46
N GLY B 128 -5.09 -13.27 20.08
CA GLY B 128 -6.28 -12.62 20.61
C GLY B 128 -6.70 -13.24 21.92
N THR B 129 -7.98 -13.08 22.24
CA THR B 129 -8.58 -13.62 23.46
C THR B 129 -10.02 -14.05 23.16
N ALA B 130 -10.68 -14.64 24.15
CA ALA B 130 -12.09 -15.06 24.00
C ALA B 130 -12.78 -15.20 25.36
N ASN B 131 -14.09 -14.92 25.37
CA ASN B 131 -14.91 -14.99 26.58
C ASN B 131 -15.28 -16.43 26.99
N SER B 132 -14.41 -17.40 26.66
CA SER B 132 -14.69 -18.81 26.89
C SER B 132 -13.43 -19.62 27.19
N GLY B 133 -13.65 -20.85 27.66
CA GLY B 133 -12.59 -21.82 27.95
C GLY B 133 -12.45 -22.85 26.82
N TRP B 134 -12.45 -24.13 27.18
CA TRP B 134 -12.22 -25.23 26.21
C TRP B 134 -13.06 -25.18 24.93
N SER B 135 -14.31 -24.74 25.07
CA SER B 135 -15.22 -24.66 23.92
C SER B 135 -14.79 -23.64 22.86
N ALA B 136 -13.88 -22.74 23.20
CA ALA B 136 -13.32 -21.78 22.26
C ALA B 136 -12.10 -22.29 21.49
N SER B 137 -11.60 -23.48 21.86
CA SER B 137 -10.43 -24.07 21.22
C SER B 137 -10.70 -24.33 19.73
N ASP B 139 -8.66 -25.35 15.52
CA ASP B 139 -7.54 -25.79 14.69
C ASP B 139 -7.06 -24.63 13.82
N GLY B 140 -5.75 -24.49 13.67
CA GLY B 140 -5.17 -23.47 12.80
C GLY B 140 -5.25 -22.04 13.32
N LEU B 141 -5.28 -21.89 14.64
CA LEU B 141 -5.35 -20.56 15.27
C LEU B 141 -4.08 -19.75 15.06
N PHE B 142 -2.95 -20.43 15.02
CA PHE B 142 -1.65 -19.76 14.95
C PHE B 142 -1.08 -19.69 13.53
N LYS B 143 -1.83 -20.16 12.53
CA LYS B 143 -1.35 -20.15 11.15
C LYS B 143 -1.11 -18.70 10.71
N ARG B 144 0.13 -18.41 10.30
CA ARG B 144 0.54 -17.06 9.87
C ARG B 144 0.64 -16.03 11.01
N ALA B 145 0.01 -16.27 12.15
CA ALA B 145 0.10 -15.35 13.30
C ALA B 145 1.49 -15.32 13.91
N VAL B 146 1.79 -14.24 14.63
CA VAL B 146 3.10 -14.06 15.25
C VAL B 146 3.16 -14.71 16.60
N TRP B 147 4.33 -15.24 16.94
CA TRP B 147 4.57 -15.83 18.25
C TRP B 147 5.85 -15.21 18.81
N VAL B 148 5.72 -14.36 19.81
CA VAL B 148 6.89 -13.69 20.37
C VAL B 148 7.57 -14.62 21.37
N VAL B 149 8.89 -14.74 21.30
CA VAL B 149 9.68 -15.50 22.27
C VAL B 149 10.72 -14.59 22.92
N THR B 150 10.90 -14.70 24.23
CA THR B 150 11.82 -13.82 24.94
C THR B 150 13.22 -14.40 24.99
N PHE B 151 14.19 -13.56 25.37
CA PHE B 151 15.57 -14.00 25.50
C PHE B 151 16.38 -13.09 26.45
N ASP B 152 15.71 -12.54 27.46
CA ASP B 152 16.35 -11.60 28.38
C ASP B 152 17.53 -12.22 29.14
N GLN B 153 17.48 -13.54 29.35
CA GLN B 153 18.54 -14.30 30.06
C GLN B 153 19.94 -14.14 29.44
N LEU B 154 20.02 -13.84 28.15
CA LEU B 154 21.31 -13.66 27.48
C LEU B 154 21.92 -12.30 27.73
N PHE B 155 21.07 -11.30 28.04
CA PHE B 155 21.54 -9.92 28.19
C PHE B 155 21.46 -9.33 29.60
N ASP B 156 20.57 -9.83 30.45
CA ASP B 156 20.63 -9.43 31.87
C ASP B 156 21.69 -10.35 32.47
N GLY B 157 22.04 -10.14 33.73
CA GLY B 157 23.03 -11.00 34.38
C GLY B 157 22.42 -12.36 34.68
N THR B 158 22.84 -13.41 33.97
CA THR B 158 22.26 -14.75 34.17
C THR B 158 23.14 -15.87 33.62
N ASP B 159 23.60 -16.74 34.52
CA ASP B 159 24.39 -17.89 34.10
C ASP B 159 23.46 -18.92 33.44
N ILE B 160 23.62 -19.13 32.14
CA ILE B 160 22.83 -20.11 31.41
C ILE B 160 23.73 -21.20 30.84
N ASN B 161 23.15 -22.39 30.67
CA ASN B 161 23.84 -23.55 30.15
C ASN B 161 23.15 -24.03 28.88
N SER B 162 23.58 -25.18 28.34
CA SER B 162 22.98 -25.75 27.14
C SER B 162 21.50 -26.12 27.31
N THR B 163 21.07 -26.42 28.54
CA THR B 163 19.67 -26.77 28.82
C THR B 163 18.74 -25.60 28.45
N TRP B 164 19.00 -24.42 29.00
CA TRP B 164 18.17 -23.27 28.69
C TRP B 164 18.04 -23.13 27.17
N ILE B 165 19.16 -23.21 26.45
CA ILE B 165 19.15 -23.11 24.99
C ILE B 165 18.25 -24.19 24.36
N SER B 166 18.28 -25.39 24.92
CA SER B 166 17.44 -26.49 24.45
C SER B 166 15.96 -26.22 24.72
N ILE B 167 15.70 -25.56 25.84
CA ILE B 167 14.36 -25.15 26.23
C ILE B 167 13.88 -24.06 25.25
N TRP B 168 14.74 -23.06 25.01
CA TRP B 168 14.45 -22.00 24.04
C TRP B 168 14.24 -22.56 22.63
N LYS B 169 15.06 -23.54 22.25
CA LYS B 169 14.96 -24.17 20.93
C LYS B 169 13.59 -24.85 20.76
N ASP B 170 13.16 -25.62 21.76
CA ASP B 170 11.87 -26.32 21.70
C ASP B 170 10.67 -25.36 21.72
N VAL B 171 10.78 -24.22 22.41
CA VAL B 171 9.69 -23.24 22.41
C VAL B 171 9.53 -22.64 21.01
N VAL B 172 10.65 -22.36 20.35
CA VAL B 172 10.63 -21.82 19.00
C VAL B 172 10.01 -22.85 18.04
N GLN B 173 10.52 -24.08 18.09
CA GLN B 173 10.03 -25.18 17.24
C GLN B 173 8.54 -25.48 17.45
N ALA B 175 6.32 -23.36 18.43
CA ALA B 175 5.69 -22.23 17.78
C ALA B 175 5.64 -22.50 16.28
N LEU B 176 6.79 -22.85 15.72
CA LEU B 176 6.88 -23.10 14.29
C LEU B 176 6.01 -24.29 13.89
N ALA B 177 6.08 -25.37 14.67
CA ALA B 177 5.31 -26.59 14.39
C ALA B 177 3.84 -26.32 14.11
N VAL B 178 3.26 -25.42 14.89
CA VAL B 178 1.85 -25.06 14.75
C VAL B 178 1.65 -23.89 13.77
N GLY B 179 2.64 -23.64 12.91
CA GLY B 179 2.54 -22.65 11.82
C GLY B 179 2.69 -21.17 12.15
N ALA B 180 3.34 -20.85 13.27
CA ALA B 180 3.48 -19.46 13.70
C ALA B 180 4.80 -18.84 13.21
N GLU B 181 4.83 -17.51 13.15
CA GLU B 181 6.03 -16.76 12.84
C GLU B 181 6.63 -16.28 14.15
N VAL B 182 7.85 -16.69 14.42
CA VAL B 182 8.49 -16.41 15.71
C VAL B 182 9.32 -15.15 15.67
N VAL B 183 8.86 -14.09 16.34
CA VAL B 183 9.59 -12.84 16.42
C VAL B 183 10.21 -12.78 17.81
N PRO B 184 11.55 -12.78 17.91
CA PRO B 184 12.14 -12.75 19.24
C PRO B 184 12.10 -11.35 19.80
N SER B 185 12.07 -11.22 21.12
CA SER B 185 12.03 -9.90 21.77
C SER B 185 12.23 -10.01 23.27
N ARG B 186 12.81 -8.96 23.86
CA ARG B 186 12.98 -8.88 25.31
C ARG B 186 11.73 -8.25 25.92
N VAL B 187 11.61 -8.30 27.25
CA VAL B 187 10.38 -7.85 27.92
C VAL B 187 10.07 -6.37 27.77
N GLY B 188 11.11 -5.53 27.79
CA GLY B 188 10.92 -4.09 27.67
C GLY B 188 10.35 -3.68 26.32
N PRO B 189 11.07 -4.01 25.23
CA PRO B 189 10.59 -3.71 23.88
C PRO B 189 9.22 -4.35 23.57
N HIS B 190 9.01 -5.58 24.03
CA HIS B 190 7.74 -6.24 23.78
C HIS B 190 6.58 -5.45 24.39
N ASP B 191 6.68 -5.19 25.69
CA ASP B 191 5.65 -4.49 26.42
C ASP B 191 5.41 -3.07 25.89
N ALA B 192 6.45 -2.43 25.36
CA ALA B 192 6.30 -1.10 24.76
C ALA B 192 5.43 -1.24 23.49
N ALA B 193 5.78 -2.20 22.64
CA ALA B 193 5.03 -2.49 21.42
C ALA B 193 3.60 -2.90 21.72
N ALA B 194 3.45 -3.85 22.63
CA ALA B 194 2.12 -4.34 22.97
C ALA B 194 1.29 -3.18 23.50
N ALA B 195 1.91 -2.30 24.27
CA ALA B 195 1.23 -1.12 24.81
C ALA B 195 0.63 -0.32 23.65
N ARG B 196 1.44 -0.10 22.62
CA ARG B 196 1.06 0.72 21.47
C ARG B 196 0.01 0.11 20.55
N VAL B 197 0.25 -1.12 20.10
CA VAL B 197 -0.57 -1.76 19.05
C VAL B 197 -1.68 -2.68 19.54
N SER B 198 -1.66 -3.06 20.82
CA SER B 198 -2.73 -3.89 21.39
C SER B 198 -3.47 -3.24 22.57
N HIS B 199 -2.72 -2.77 23.57
CA HIS B 199 -3.37 -2.24 24.75
C HIS B 199 -4.00 -0.88 24.49
N LEU B 200 -3.28 0.04 23.87
CA LEU B 200 -3.88 1.33 23.53
C LEU B 200 -5.10 1.10 22.66
N THR B 201 -5.03 0.11 21.76
CA THR B 201 -6.14 -0.22 20.89
C THR B 201 -7.40 -0.50 21.70
N HIS B 202 -7.23 -1.27 22.77
CA HIS B 202 -8.34 -1.59 23.64
C HIS B 202 -8.87 -0.33 24.31
N ILE B 203 -7.98 0.41 24.96
CA ILE B 203 -8.35 1.66 25.62
C ILE B 203 -9.16 2.55 24.69
N LEU B 204 -8.68 2.77 23.49
CA LEU B 204 -9.36 3.64 22.55
C LEU B 204 -10.71 3.08 22.11
N ALA B 205 -10.84 1.77 22.02
CA ALA B 205 -12.10 1.15 21.66
C ALA B 205 -13.15 1.29 22.77
N GLU B 206 -12.73 1.08 24.02
CA GLU B 206 -13.65 1.22 25.15
C GLU B 206 -14.17 2.65 25.15
N THR B 207 -13.27 3.62 24.91
CA THR B 207 -13.62 5.03 24.88
C THR B 207 -14.63 5.35 23.78
N LEU B 208 -14.38 4.90 22.56
CA LEU B 208 -15.28 5.18 21.44
C LEU B 208 -16.68 4.60 21.73
N ALA B 209 -16.71 3.36 22.16
CA ALA B 209 -17.97 2.70 22.53
C ALA B 209 -18.83 3.53 23.48
N ILE B 210 -18.20 4.13 24.49
CA ILE B 210 -18.90 4.95 25.49
C ILE B 210 -19.37 6.26 24.89
N VAL B 211 -18.48 6.94 24.17
CA VAL B 211 -18.86 8.20 23.56
C VAL B 211 -20.09 7.99 22.67
N GLY B 212 -20.06 6.94 21.85
CA GLY B 212 -21.18 6.61 20.97
C GLY B 212 -22.44 6.29 21.75
N ASP B 213 -22.28 5.59 22.87
CA ASP B 213 -23.42 5.22 23.71
C ASP B 213 -23.99 6.45 24.42
N ASN B 214 -23.13 7.42 24.74
CA ASN B 214 -23.58 8.66 25.39
C ASN B 214 -24.49 9.44 24.43
N GLY B 215 -24.32 9.25 23.14
CA GLY B 215 -25.19 9.89 22.15
C GLY B 215 -26.62 9.37 22.15
N GLY B 216 -26.86 8.23 22.79
CA GLY B 216 -28.20 7.66 22.91
C GLY B 216 -28.68 6.83 21.70
N ALA B 217 -29.97 6.54 21.67
CA ALA B 217 -30.55 5.72 20.62
C ALA B 217 -30.12 6.10 19.18
N LEU B 218 -30.21 7.38 18.84
CA LEU B 218 -29.91 7.79 17.48
C LEU B 218 -28.47 7.50 17.09
N SER B 219 -27.52 7.85 17.95
CA SER B 219 -26.11 7.61 17.66
C SER B 219 -25.83 6.15 17.35
N LEU B 220 -26.28 5.27 18.23
CA LEU B 220 -26.08 3.84 18.02
C LEU B 220 -26.76 3.34 16.75
N SER B 221 -27.90 3.92 16.42
CA SER B 221 -28.65 3.51 15.24
C SER B 221 -27.93 3.94 13.95
N LEU B 222 -27.26 5.08 14.00
CA LEU B 222 -26.53 5.62 12.85
C LEU B 222 -25.09 5.09 12.69
N ALA B 223 -24.59 4.40 13.72
CA ALA B 223 -23.25 3.84 13.68
C ALA B 223 -23.15 2.85 12.55
N ALA B 224 -22.09 2.96 11.75
CA ALA B 224 -21.88 2.09 10.59
C ALA B 224 -20.56 1.28 10.68
N GLY B 225 -20.03 0.85 9.53
CA GLY B 225 -18.86 -0.01 9.48
C GLY B 225 -17.64 0.42 10.28
N SER B 226 -17.26 1.68 10.20
CA SER B 226 -16.06 2.13 10.90
C SER B 226 -16.18 1.94 12.41
N TYR B 227 -17.37 2.26 12.93
CA TYR B 227 -17.62 2.17 14.37
C TYR B 227 -17.59 0.71 14.80
N ARG B 228 -18.30 -0.12 14.03
CA ARG B 228 -18.33 -1.54 14.25
C ARG B 228 -16.92 -2.12 14.37
N ASP B 229 -16.06 -1.82 13.41
CA ASP B 229 -14.69 -2.34 13.42
C ASP B 229 -13.88 -1.78 14.60
N SER B 230 -13.98 -0.48 14.85
CA SER B 230 -13.14 0.19 15.86
C SER B 230 -13.58 -0.03 17.30
N THR B 231 -14.78 -0.57 17.51
CA THR B 231 -15.28 -0.85 18.84
C THR B 231 -15.39 -2.37 19.08
N ARG B 232 -14.83 -3.17 18.17
CA ARG B 232 -14.95 -4.63 18.29
C ARG B 232 -14.30 -5.13 19.59
N VAL B 233 -13.04 -4.75 19.85
CA VAL B 233 -12.36 -5.21 21.07
C VAL B 233 -13.02 -4.72 22.36
N ALA B 234 -13.91 -3.73 22.28
CA ALA B 234 -14.64 -3.31 23.48
C ALA B 234 -15.63 -4.40 23.92
N GLY B 235 -15.88 -5.35 23.03
CA GLY B 235 -16.74 -6.46 23.32
C GLY B 235 -16.05 -7.61 24.05
N THR B 236 -14.71 -7.57 24.11
CA THR B 236 -14.01 -8.60 24.87
C THR B 236 -14.32 -8.32 26.34
N ASP B 237 -14.32 -9.37 27.14
CA ASP B 237 -14.73 -9.25 28.54
C ASP B 237 -13.87 -8.24 29.30
N PRO B 238 -14.49 -7.38 30.11
CA PRO B 238 -13.74 -6.32 30.77
C PRO B 238 -12.59 -6.83 31.62
N GLY B 239 -12.79 -7.98 32.28
CA GLY B 239 -11.77 -8.58 33.13
C GLY B 239 -10.45 -8.77 32.40
N LEU B 240 -10.52 -9.22 31.16
CA LEU B 240 -9.32 -9.46 30.38
C LEU B 240 -8.67 -8.12 30.02
N VAL B 241 -9.50 -7.15 29.65
CA VAL B 241 -9.02 -5.83 29.25
C VAL B 241 -8.29 -5.15 30.41
N ARG B 242 -8.87 -5.25 31.61
CA ARG B 242 -8.25 -4.72 32.82
C ARG B 242 -6.89 -5.38 33.05
N ALA B 243 -6.87 -6.71 33.08
CA ALA B 243 -5.65 -7.47 33.34
C ALA B 243 -4.52 -7.06 32.39
N CYS B 245 -4.22 -4.37 30.40
CA CYS B 245 -3.76 -2.98 30.53
C CYS B 245 -3.10 -2.66 31.86
N GLU B 246 -3.67 -3.16 32.95
CA GLU B 246 -3.18 -2.90 34.30
C GLU B 246 -1.77 -3.48 34.51
N SER B 247 -1.56 -4.70 34.02
CA SER B 247 -0.24 -5.34 34.10
C SER B 247 0.84 -4.55 33.35
N ASN B 248 0.43 -3.85 32.29
CA ASN B 248 1.37 -3.11 31.44
C ASN B 248 1.20 -1.60 31.58
N ALA B 249 0.79 -1.16 32.77
CA ALA B 249 0.38 0.22 33.03
C ALA B 249 1.42 1.28 32.64
N GLY B 250 2.70 1.02 32.91
CA GLY B 250 3.77 1.98 32.64
C GLY B 250 3.96 2.26 31.17
N PRO B 251 4.24 1.20 30.39
CA PRO B 251 4.35 1.34 28.94
C PRO B 251 3.08 1.89 28.28
N LEU B 252 1.91 1.46 28.77
CA LEU B 252 0.63 1.91 28.22
C LEU B 252 0.46 3.42 28.38
N VAL B 253 0.92 3.96 29.51
CA VAL B 253 0.84 5.41 29.75
C VAL B 253 1.75 6.16 28.78
N LYS B 254 2.92 5.61 28.50
CA LYS B 254 3.83 6.22 27.52
C LYS B 254 3.08 6.36 26.19
N ALA B 255 2.38 5.31 25.79
CA ALA B 255 1.61 5.28 24.53
C ALA B 255 0.36 6.17 24.55
N LEU B 256 -0.39 6.10 25.65
CA LEU B 256 -1.59 6.92 25.80
C LEU B 256 -1.25 8.41 25.74
N ASP B 257 -0.13 8.78 26.33
CA ASP B 257 0.31 10.18 26.35
C ASP B 257 0.60 10.70 24.96
N GLU B 258 1.12 9.85 24.09
CA GLU B 258 1.33 10.21 22.70
C GLU B 258 -0.03 10.39 22.03
N ALA B 259 -0.96 9.49 22.31
CA ALA B 259 -2.31 9.60 21.76
C ALA B 259 -2.93 10.93 22.19
N LEU B 260 -2.82 11.26 23.48
CA LEU B 260 -3.39 12.50 24.01
C LEU B 260 -2.74 13.74 23.39
N ALA B 261 -1.45 13.66 23.12
CA ALA B 261 -0.74 14.77 22.47
C ALA B 261 -1.39 15.03 21.12
N ILE B 262 -1.55 13.95 20.35
CA ILE B 262 -2.13 14.01 19.00
C ILE B 262 -3.58 14.49 19.03
N LEU B 263 -4.35 13.96 19.97
CA LEU B 263 -5.76 14.29 20.08
C LEU B 263 -6.00 15.75 20.46
N HIS B 264 -5.19 16.29 21.37
CA HIS B 264 -5.25 17.72 21.73
C HIS B 264 -4.88 18.61 20.55
N GLU B 265 -3.77 18.27 19.89
CA GLU B 265 -3.29 18.99 18.71
C GLU B 265 -4.35 19.00 17.60
N ALA B 266 -5.17 17.95 17.54
CA ALA B 266 -6.29 17.87 16.62
C ALA B 266 -7.44 18.80 17.05
N ARG B 267 -7.66 18.85 18.36
CA ARG B 267 -8.68 19.74 18.92
C ARG B 267 -8.29 21.20 18.72
N GLU B 268 -7.00 21.48 18.83
CA GLU B 268 -6.49 22.82 18.53
C GLU B 268 -6.92 23.09 17.08
N GLY B 269 -6.68 22.10 16.22
CA GLY B 269 -7.06 22.18 14.81
C GLY B 269 -8.53 22.43 14.50
N LEU B 270 -9.43 21.80 15.24
CA LEU B 270 -10.87 21.91 14.97
C LEU B 270 -11.53 23.13 15.61
N THR B 271 -10.81 23.80 16.52
CA THR B 271 -11.32 24.98 17.22
C THR B 271 -10.90 26.29 16.56
N ALA B 272 -10.00 26.21 15.58
CA ALA B 272 -9.45 27.40 14.91
C ALA B 272 -10.53 28.22 14.26
N GLU B 273 -10.17 29.44 13.82
CA GLU B 273 -11.10 30.30 13.06
C GLU B 273 -11.52 29.51 11.82
N GLN B 274 -10.54 28.92 11.15
CA GLN B 274 -10.78 28.02 10.03
C GLN B 274 -10.31 26.59 10.40
N PRO B 275 -11.23 25.75 10.92
CA PRO B 275 -10.94 24.38 11.31
C PRO B 275 -10.04 23.64 10.34
N ASN B 276 -8.98 23.01 10.88
CA ASN B 276 -7.95 22.35 10.08
C ASN B 276 -7.29 21.18 10.81
N ILE B 277 -7.44 19.96 10.25
CA ILE B 277 -6.73 18.76 10.74
C ILE B 277 -5.89 18.15 9.62
N GLU B 278 -5.22 19.01 8.86
CA GLU B 278 -4.26 18.57 7.83
C GLU B 278 -3.34 17.52 8.43
N GLN B 279 -2.54 17.98 9.38
CA GLN B 279 -1.50 17.22 10.04
C GLN B 279 -1.95 15.81 10.42
N LEU B 280 -3.02 15.71 11.19
CA LEU B 280 -3.52 14.43 11.66
C LEU B 280 -3.87 13.49 10.51
N ALA B 281 -4.71 13.97 9.60
CA ALA B 281 -5.15 13.18 8.45
C ALA B 281 -3.96 12.66 7.64
N ASP B 282 -3.04 13.56 7.29
CA ASP B 282 -1.85 13.19 6.50
C ASP B 282 -0.95 12.15 7.19
N ASN B 283 -0.54 12.43 8.43
CA ASN B 283 0.32 11.52 9.20
C ASN B 283 -0.40 10.22 9.45
N GLY B 284 -1.70 10.33 9.75
CA GLY B 284 -2.52 9.16 9.96
C GLY B 284 -2.55 8.29 8.71
N TYR B 285 -3.00 8.88 7.61
CA TYR B 285 -3.07 8.16 6.33
C TYR B 285 -1.73 7.54 5.96
N ARG B 286 -0.67 8.34 6.04
CA ARG B 286 0.66 7.87 5.72
C ARG B 286 1.12 6.75 6.66
N SER B 287 0.71 6.80 7.93
CA SER B 287 1.04 5.71 8.87
C SER B 287 0.38 4.40 8.46
N ARG B 288 -0.88 4.50 8.04
CA ARG B 288 -1.64 3.32 7.58
C ARG B 288 -1.04 2.72 6.29
N ILE B 289 -0.67 3.56 5.32
CA ILE B 289 -0.06 3.05 4.09
C ILE B 289 1.22 2.25 4.39
N ARG B 290 2.04 2.75 5.31
CA ARG B 290 3.24 2.01 5.73
C ARG B 290 2.87 0.67 6.33
N TYR B 291 1.88 0.66 7.23
CA TYR B 291 1.49 -0.58 7.90
C TYR B 291 1.08 -1.68 6.91
N GLU B 292 0.19 -1.34 5.98
CA GLU B 292 -0.27 -2.30 4.97
C GLU B 292 0.92 -3.05 4.31
N ALA B 293 1.75 -2.32 3.57
CA ALA B 293 2.93 -2.92 2.94
C ALA B 293 4.08 -3.14 3.94
N SER B 311 5.45 -10.88 4.60
CA SER B 311 5.92 -9.48 4.52
C SER B 311 7.11 -9.21 5.46
N ARG B 312 7.12 -9.84 6.63
CA ARG B 312 8.17 -9.66 7.64
C ARG B 312 9.50 -10.25 7.19
N PRO B 313 10.62 -9.56 7.48
CA PRO B 313 11.95 -10.09 7.18
C PRO B 313 12.31 -11.32 8.03
N VAL B 314 13.31 -12.08 7.59
CA VAL B 314 13.72 -13.34 8.23
C VAL B 314 15.22 -13.37 8.56
N LEU B 315 15.60 -14.18 9.55
CA LEU B 315 17.01 -14.38 9.93
C LEU B 315 17.28 -15.82 10.35
N ARG B 316 18.27 -16.45 9.71
CA ARG B 316 18.67 -17.81 10.07
C ARG B 316 19.50 -17.78 11.36
N LEU B 317 19.25 -18.72 12.27
CA LEU B 317 19.95 -18.76 13.56
C LEU B 317 20.35 -20.15 14.03
N HIS B 318 21.60 -20.31 14.44
CA HIS B 318 22.05 -21.58 15.04
CA HIS B 318 22.09 -21.57 15.01
C HIS B 318 22.49 -21.32 16.47
N PRO B 319 21.64 -21.70 17.44
CA PRO B 319 21.98 -21.51 18.85
C PRO B 319 23.23 -22.27 19.27
N GLY B 320 24.17 -21.55 19.90
CA GLY B 320 25.44 -22.11 20.32
C GLY B 320 26.61 -21.40 19.67
N THR B 321 26.48 -21.08 18.38
CA THR B 321 27.55 -20.41 17.64
C THR B 321 27.81 -19.00 18.21
N PRO B 322 29.09 -18.62 18.37
CA PRO B 322 29.47 -17.30 18.91
C PRO B 322 28.59 -16.14 18.42
N ASN B 323 28.14 -15.30 19.34
CA ASN B 323 27.33 -14.12 19.04
C ASN B 323 26.01 -14.41 18.31
N TRP B 324 25.41 -15.56 18.56
CA TRP B 324 24.11 -15.85 17.96
C TRP B 324 23.07 -14.97 18.64
N GLU B 325 23.31 -14.61 19.90
CA GLU B 325 22.40 -13.73 20.63
C GLU B 325 22.38 -12.32 20.03
N LYS B 326 23.50 -11.89 19.43
CA LYS B 326 23.53 -10.60 18.76
C LYS B 326 22.50 -10.59 17.63
N GLN B 327 22.34 -11.72 16.94
CA GLN B 327 21.34 -11.81 15.86
C GLN B 327 19.91 -11.78 16.39
N LEU B 328 19.71 -12.07 17.68
CA LEU B 328 18.37 -11.96 18.29
C LEU B 328 17.99 -10.50 18.47
N ILE B 329 18.94 -9.68 18.91
CA ILE B 329 18.75 -8.23 18.99
C ILE B 329 18.46 -7.64 17.61
N HIS B 330 19.12 -8.18 16.59
CA HIS B 330 18.93 -7.72 15.21
C HIS B 330 17.49 -7.98 14.79
N ALA B 331 17.00 -9.19 15.05
CA ALA B 331 15.61 -9.56 14.75
C ALA B 331 14.64 -8.67 15.51
N GLU B 332 14.99 -8.35 16.74
CA GLU B 332 14.16 -7.50 17.59
C GLU B 332 14.01 -6.09 17.03
N THR B 333 15.13 -5.49 16.61
CA THR B 333 15.10 -4.15 16.03
C THR B 333 14.30 -4.15 14.73
N LEU B 334 14.49 -5.21 13.94
CA LEU B 334 13.82 -5.37 12.66
C LEU B 334 12.39 -5.88 12.78
N GLY B 335 12.05 -6.50 13.90
CA GLY B 335 10.73 -7.13 14.05
C GLY B 335 10.65 -8.32 13.11
N ALA B 336 11.81 -8.93 12.83
CA ALA B 336 11.92 -10.02 11.88
C ALA B 336 11.55 -11.33 12.53
N ARG B 337 11.07 -12.27 11.72
CA ARG B 337 10.78 -13.61 12.20
C ARG B 337 12.05 -14.43 12.03
N ILE B 338 12.26 -15.41 12.92
CA ILE B 338 13.45 -16.26 12.83
C ILE B 338 13.08 -17.70 12.47
N GLU B 339 14.05 -18.39 11.87
CA GLU B 339 13.98 -19.82 11.60
C GLU B 339 15.30 -20.37 12.13
N VAL B 340 15.31 -21.59 12.65
CA VAL B 340 16.56 -22.16 13.16
C VAL B 340 17.19 -23.25 12.24
N PHE B 341 18.43 -23.01 11.83
CA PHE B 341 19.22 -23.96 11.03
C PHE B 341 19.83 -24.99 11.97
N ASP C 6 -10.11 -26.07 -21.15
CA ASP C 6 -10.88 -26.95 -22.08
C ASP C 6 -11.15 -26.13 -23.37
N ILE C 7 -10.41 -26.42 -24.46
CA ILE C 7 -10.57 -25.65 -25.72
C ILE C 7 -11.32 -26.48 -26.74
N SER C 8 -12.36 -25.88 -27.33
CA SER C 8 -13.22 -26.58 -28.29
C SER C 8 -12.52 -26.92 -29.63
N ARG C 9 -11.61 -26.07 -30.06
CA ARG C 9 -10.93 -26.26 -31.35
C ARG C 9 -9.43 -26.44 -31.14
N PRO C 10 -8.73 -27.01 -32.15
CA PRO C 10 -7.27 -27.05 -32.07
C PRO C 10 -6.69 -25.66 -32.34
N VAL C 11 -5.60 -25.32 -31.66
CA VAL C 11 -4.97 -24.01 -31.81
C VAL C 11 -3.90 -24.05 -32.93
N CYS C 12 -3.99 -23.10 -33.85
CA CYS C 12 -3.02 -22.96 -34.94
C CYS C 12 -2.26 -21.64 -34.76
N ILE C 13 -1.02 -21.74 -34.29
CA ILE C 13 -0.21 -20.56 -34.00
C ILE C 13 0.68 -20.20 -35.20
N LEU C 14 0.51 -18.98 -35.72
CA LEU C 14 1.33 -18.45 -36.84
C LEU C 14 2.43 -17.54 -36.30
N GLY C 15 3.70 -17.95 -36.43
CA GLY C 15 4.82 -17.19 -35.90
C GLY C 15 5.09 -17.61 -34.47
N LEU C 16 6.28 -18.14 -34.23
CA LEU C 16 6.64 -18.69 -32.92
C LEU C 16 7.84 -18.00 -32.24
N GLY C 17 7.64 -16.72 -31.87
CA GLY C 17 8.65 -15.95 -31.14
C GLY C 17 8.48 -16.05 -29.63
N LEU C 18 8.67 -14.94 -28.92
CA LEU C 18 8.50 -14.93 -27.47
C LEU C 18 7.05 -15.27 -27.13
N ILE C 19 6.11 -14.65 -27.84
CA ILE C 19 4.68 -14.89 -27.62
C ILE C 19 4.25 -16.23 -28.23
N GLY C 20 4.18 -16.29 -29.56
CA GLY C 20 3.72 -17.50 -30.25
C GLY C 20 4.40 -18.78 -29.78
N GLY C 21 5.72 -18.70 -29.58
CA GLY C 21 6.50 -19.86 -29.18
C GLY C 21 6.23 -20.31 -27.77
N SER C 22 6.07 -19.35 -26.86
CA SER C 22 5.76 -19.68 -25.46
C SER C 22 4.32 -20.20 -25.31
N LEU C 23 3.42 -19.72 -26.17
CA LEU C 23 2.04 -20.20 -26.22
C LEU C 23 2.03 -21.65 -26.64
N LEU C 24 2.76 -21.97 -27.72
CA LEU C 24 2.82 -23.35 -28.20
C LEU C 24 3.37 -24.29 -27.11
N ARG C 25 4.41 -23.85 -26.40
CA ARG C 25 5.02 -24.64 -25.32
C ARG C 25 4.11 -24.88 -24.12
N ASP C 26 3.31 -23.89 -23.75
CA ASP C 26 2.37 -24.03 -22.63
C ASP C 26 1.20 -24.92 -23.03
N LEU C 27 0.65 -24.68 -24.22
CA LEU C 27 -0.48 -25.47 -24.74
C LEU C 27 -0.10 -26.94 -24.91
N HIS C 28 1.11 -27.19 -25.39
CA HIS C 28 1.61 -28.55 -25.56
C HIS C 28 1.88 -29.21 -24.19
N ALA C 29 2.45 -28.44 -23.25
CA ALA C 29 2.73 -28.91 -21.89
C ALA C 29 1.45 -29.16 -21.10
N ALA C 30 0.42 -28.34 -21.34
CA ALA C 30 -0.89 -28.50 -20.71
C ALA C 30 -1.70 -29.60 -21.39
N ASN C 31 -1.12 -30.24 -22.40
CA ASN C 31 -1.72 -31.36 -23.13
C ASN C 31 -2.96 -30.97 -23.95
N HIS C 32 -2.84 -29.89 -24.72
CA HIS C 32 -3.90 -29.44 -25.64
C HIS C 32 -3.45 -29.62 -27.09
N SER C 33 -4.42 -29.69 -28.00
CA SER C 33 -4.15 -29.86 -29.42
C SER C 33 -3.65 -28.52 -30.01
N VAL C 34 -2.34 -28.44 -30.26
CA VAL C 34 -1.69 -27.22 -30.76
C VAL C 34 -0.65 -27.48 -31.87
N PHE C 35 -0.73 -26.70 -32.96
CA PHE C 35 0.29 -26.75 -34.02
C PHE C 35 0.56 -25.34 -34.55
N GLY C 36 1.53 -25.19 -35.45
CA GLY C 36 1.89 -23.86 -35.95
C GLY C 36 2.86 -23.71 -37.11
N TYR C 37 3.36 -22.47 -37.26
CA TYR C 37 4.26 -22.08 -38.35
C TYR C 37 5.37 -21.11 -37.88
N ASN C 38 6.54 -21.27 -38.51
CA ASN C 38 7.72 -20.42 -38.30
C ASN C 38 8.48 -20.37 -39.63
N ARG C 39 8.68 -19.17 -40.18
CA ARG C 39 9.31 -19.07 -41.51
C ARG C 39 10.70 -19.72 -41.55
N SER C 40 11.56 -19.32 -40.63
CA SER C 40 12.93 -19.85 -40.57
C SER C 40 12.92 -21.37 -40.52
N ARG C 41 13.36 -22.02 -41.60
CA ARG C 41 13.46 -23.48 -41.66
C ARG C 41 14.29 -24.01 -40.48
N SER C 42 15.20 -23.17 -39.97
CA SER C 42 15.97 -23.47 -38.77
C SER C 42 15.03 -23.62 -37.57
N GLY C 43 14.25 -22.57 -37.30
CA GLY C 43 13.28 -22.57 -36.20
C GLY C 43 12.23 -23.66 -36.32
N ALA C 44 11.84 -23.96 -37.56
CA ALA C 44 10.88 -25.03 -37.84
C ALA C 44 11.49 -26.41 -37.55
N LYS C 45 12.73 -26.61 -38.01
CA LYS C 45 13.44 -27.90 -37.80
C LYS C 45 13.91 -28.04 -36.35
N SER C 46 14.10 -26.91 -35.66
CA SER C 46 14.43 -26.92 -34.24
C SER C 46 13.26 -27.50 -33.48
N ALA C 47 12.10 -26.84 -33.60
CA ALA C 47 10.87 -27.25 -32.93
C ALA C 47 10.44 -28.67 -33.30
N VAL C 48 10.69 -29.08 -34.54
CA VAL C 48 10.38 -30.44 -34.99
C VAL C 48 11.24 -31.48 -34.27
N ASP C 49 12.56 -31.27 -34.23
CA ASP C 49 13.47 -32.22 -33.57
C ASP C 49 13.33 -32.20 -32.04
N GLU C 50 12.76 -31.12 -31.51
CA GLU C 50 12.48 -30.98 -30.07
C GLU C 50 11.13 -31.58 -29.62
N GLY C 51 10.45 -32.29 -30.53
CA GLY C 51 9.21 -33.00 -30.19
C GLY C 51 7.90 -32.23 -30.35
N PHE C 52 7.96 -30.99 -30.83
CA PHE C 52 6.77 -30.17 -31.06
C PHE C 52 6.27 -30.32 -32.50
N ASP C 53 5.03 -29.89 -32.74
CA ASP C 53 4.38 -29.98 -34.05
C ASP C 53 4.40 -28.61 -34.77
N VAL C 54 5.51 -28.34 -35.46
CA VAL C 54 5.71 -27.05 -36.14
C VAL C 54 6.09 -27.25 -37.61
N SER C 55 5.52 -26.40 -38.48
CA SER C 55 5.80 -26.43 -39.92
C SER C 55 6.39 -25.11 -40.42
N ALA C 56 7.13 -25.17 -41.53
CA ALA C 56 7.74 -23.98 -42.15
C ALA C 56 7.03 -23.56 -43.44
N ASP C 57 5.93 -24.26 -43.77
CA ASP C 57 5.16 -24.00 -44.98
C ASP C 57 3.80 -23.37 -44.64
N LEU C 58 3.62 -22.10 -45.00
CA LEU C 58 2.41 -21.35 -44.66
C LEU C 58 1.18 -21.73 -45.51
N GLU C 59 1.39 -22.30 -46.69
CA GLU C 59 0.30 -22.70 -47.56
C GLU C 59 -0.47 -23.88 -46.96
N ALA C 60 0.25 -24.95 -46.59
CA ALA C 60 -0.36 -26.18 -46.08
C ALA C 60 -0.84 -26.08 -44.63
N THR C 61 -0.22 -25.20 -43.84
CA THR C 61 -0.63 -24.97 -42.46
C THR C 61 -2.02 -24.31 -42.45
N LEU C 62 -2.23 -23.37 -43.36
CA LEU C 62 -3.52 -22.70 -43.51
C LEU C 62 -4.61 -23.63 -44.09
N GLN C 63 -4.24 -24.53 -44.98
CA GLN C 63 -5.20 -25.49 -45.57
C GLN C 63 -5.54 -26.62 -44.59
N ARG C 64 -4.61 -26.89 -43.68
CA ARG C 64 -4.81 -27.88 -42.61
C ARG C 64 -5.84 -27.33 -41.60
N ALA C 65 -5.56 -26.13 -41.09
CA ALA C 65 -6.45 -25.44 -40.16
C ALA C 65 -7.86 -25.24 -40.75
N ALA C 66 -7.95 -25.17 -42.07
CA ALA C 66 -9.24 -25.05 -42.76
C ALA C 66 -10.09 -26.29 -42.52
N ALA C 67 -9.51 -27.46 -42.77
CA ALA C 67 -10.23 -28.74 -42.59
C ALA C 67 -10.34 -29.14 -41.11
N GLU C 68 -9.49 -28.58 -40.25
CA GLU C 68 -9.53 -28.86 -38.80
C GLU C 68 -10.33 -27.80 -38.01
N ASP C 69 -10.91 -26.81 -38.71
CA ASP C 69 -11.67 -25.71 -38.08
C ASP C 69 -10.94 -25.14 -36.87
N ALA C 70 -9.63 -25.01 -36.99
CA ALA C 70 -8.81 -24.57 -35.88
C ALA C 70 -9.01 -23.09 -35.57
N LEU C 71 -8.53 -22.69 -34.40
CA LEU C 71 -8.51 -21.30 -34.01
C LEU C 71 -7.16 -20.77 -34.44
N ILE C 72 -7.15 -19.79 -35.35
CA ILE C 72 -5.89 -19.28 -35.87
C ILE C 72 -5.38 -18.09 -35.05
N VAL C 73 -4.18 -18.23 -34.49
CA VAL C 73 -3.54 -17.17 -33.69
C VAL C 73 -2.44 -16.48 -34.50
N LEU C 74 -2.61 -15.18 -34.76
CA LEU C 74 -1.60 -14.40 -35.50
C LEU C 74 -0.53 -13.85 -34.52
N ALA C 75 0.43 -14.70 -34.15
CA ALA C 75 1.47 -14.36 -33.15
C ALA C 75 2.67 -13.74 -33.82
N VAL C 76 2.44 -12.59 -34.44
CA VAL C 76 3.44 -11.83 -35.16
C VAL C 76 3.41 -10.36 -34.70
N PRO C 77 4.43 -9.57 -35.11
CA PRO C 77 4.34 -8.14 -34.89
C PRO C 77 3.45 -7.50 -35.97
N THR C 79 3.63 -5.03 -38.03
CA THR C 79 4.25 -4.75 -39.33
C THR C 79 4.12 -5.93 -40.30
N ALA C 80 3.82 -7.11 -39.76
CA ALA C 80 3.62 -8.35 -40.53
C ALA C 80 2.14 -8.77 -40.63
N ILE C 81 1.30 -8.30 -39.71
CA ILE C 81 -0.11 -8.72 -39.64
C ILE C 81 -0.93 -8.64 -40.93
N ASP C 82 -0.80 -7.56 -41.69
CA ASP C 82 -1.64 -7.41 -42.90
C ASP C 82 -1.51 -8.56 -43.90
N SER C 83 -0.29 -9.05 -44.10
CA SER C 83 -0.05 -10.18 -45.02
C SER C 83 -0.62 -11.51 -44.49
N LEU C 84 -0.66 -11.66 -43.17
CA LEU C 84 -1.24 -12.85 -42.53
C LEU C 84 -2.75 -12.89 -42.69
N LEU C 85 -3.41 -11.72 -42.58
CA LEU C 85 -4.85 -11.65 -42.77
C LEU C 85 -5.21 -12.07 -44.20
N ASP C 86 -4.50 -11.49 -45.16
CA ASP C 86 -4.73 -11.80 -46.58
C ASP C 86 -4.68 -13.31 -46.85
N ALA C 87 -3.68 -13.98 -46.25
CA ALA C 87 -3.52 -15.44 -46.38
C ALA C 87 -4.71 -16.19 -45.78
N VAL C 88 -5.17 -15.72 -44.61
CA VAL C 88 -6.32 -16.32 -43.92
C VAL C 88 -7.64 -16.08 -44.69
N HIS C 89 -7.81 -14.90 -45.27
CA HIS C 89 -9.00 -14.61 -46.06
C HIS C 89 -9.04 -15.51 -47.32
N THR C 90 -7.87 -15.89 -47.82
CA THR C 90 -7.76 -16.77 -48.99
C THR C 90 -7.90 -18.25 -48.61
N HIS C 91 -6.95 -18.75 -47.81
CA HIS C 91 -6.83 -20.20 -47.52
C HIS C 91 -7.72 -20.75 -46.38
N ALA C 92 -8.11 -19.90 -45.44
CA ALA C 92 -9.01 -20.31 -44.34
C ALA C 92 -10.15 -19.29 -44.17
N PRO C 93 -11.00 -19.14 -45.20
CA PRO C 93 -12.04 -18.10 -45.24
C PRO C 93 -13.15 -18.25 -44.19
N ASN C 94 -13.30 -19.44 -43.62
CA ASN C 94 -14.34 -19.68 -42.64
C ASN C 94 -13.83 -19.75 -41.19
N ASN C 95 -12.52 -19.85 -40.98
CA ASN C 95 -11.98 -20.06 -39.64
C ASN C 95 -12.06 -18.86 -38.70
N GLY C 96 -12.22 -19.15 -37.41
CA GLY C 96 -12.15 -18.14 -36.37
C GLY C 96 -10.69 -17.85 -36.09
N PHE C 97 -10.35 -16.59 -35.84
CA PHE C 97 -8.96 -16.21 -35.59
C PHE C 97 -8.81 -15.05 -34.60
N THR C 98 -7.58 -14.86 -34.15
CA THR C 98 -7.25 -13.80 -33.19
C THR C 98 -5.80 -13.39 -33.40
N ASP C 99 -5.43 -12.23 -32.86
CA ASP C 99 -4.04 -11.72 -32.93
C ASP C 99 -3.47 -11.48 -31.53
N VAL C 100 -2.26 -10.93 -31.44
CA VAL C 100 -1.61 -10.71 -30.14
C VAL C 100 -0.92 -9.34 -30.03
N VAL C 101 -1.27 -8.43 -30.94
CA VAL C 101 -0.64 -7.12 -31.04
C VAL C 101 -0.99 -6.17 -29.88
N SER C 102 -0.10 -5.22 -29.59
CA SER C 102 -0.27 -4.25 -28.50
C SER C 102 -1.32 -3.15 -28.80
N VAL C 103 -1.79 -3.09 -30.05
CA VAL C 103 -2.77 -2.09 -30.45
C VAL C 103 -3.94 -2.78 -31.12
N LYS C 104 -5.16 -2.41 -30.73
CA LYS C 104 -6.33 -3.11 -31.20
C LYS C 104 -7.18 -2.42 -32.25
N THR C 105 -7.17 -1.08 -32.30
CA THR C 105 -7.96 -0.39 -33.32
C THR C 105 -7.37 -0.67 -34.70
N ALA C 106 -6.06 -0.47 -34.83
CA ALA C 106 -5.35 -0.68 -36.11
C ALA C 106 -5.60 -2.07 -36.68
N VAL C 107 -5.54 -3.09 -35.82
CA VAL C 107 -5.81 -4.48 -36.23
C VAL C 107 -7.30 -4.69 -36.58
N TYR C 108 -8.19 -4.07 -35.82
CA TYR C 108 -9.63 -4.23 -36.05
C TYR C 108 -10.08 -3.50 -37.32
N ASP C 109 -9.51 -2.34 -37.60
CA ASP C 109 -9.82 -1.61 -38.84
C ASP C 109 -9.49 -2.48 -40.06
N ALA C 110 -8.31 -3.11 -40.01
CA ALA C 110 -7.82 -3.97 -41.09
C ALA C 110 -8.65 -5.26 -41.20
N VAL C 111 -9.23 -5.71 -40.09
CA VAL C 111 -10.13 -6.86 -40.11
C VAL C 111 -11.43 -6.43 -40.80
N LYS C 112 -11.92 -5.25 -40.45
CA LYS C 112 -13.14 -4.70 -41.03
C LYS C 112 -12.93 -4.37 -42.51
N ALA C 113 -11.75 -3.83 -42.83
CA ALA C 113 -11.38 -3.52 -44.22
C ALA C 113 -11.50 -4.72 -45.14
N ARG C 114 -11.19 -5.90 -44.61
CA ARG C 114 -11.24 -7.15 -45.37
C ARG C 114 -12.53 -7.98 -45.17
N ASN C 115 -13.53 -7.40 -44.50
CA ASN C 115 -14.80 -8.09 -44.19
C ASN C 115 -14.66 -9.41 -43.41
N GLN C 117 -14.78 -9.46 -40.02
CA GLN C 117 -15.27 -9.13 -38.68
C GLN C 117 -16.05 -10.25 -37.97
N HIS C 118 -16.79 -11.04 -38.75
CA HIS C 118 -17.65 -12.09 -38.18
C HIS C 118 -16.89 -13.34 -37.68
N ARG C 119 -15.58 -13.39 -37.91
CA ARG C 119 -14.74 -14.51 -37.46
C ARG C 119 -13.54 -14.05 -36.63
N TYR C 120 -13.56 -12.80 -36.16
CA TYR C 120 -12.43 -12.24 -35.43
C TYR C 120 -12.73 -11.93 -33.96
N VAL C 121 -11.82 -12.37 -33.10
CA VAL C 121 -11.84 -12.00 -31.70
C VAL C 121 -10.43 -11.48 -31.40
N GLY C 122 -10.30 -10.16 -31.26
CA GLY C 122 -9.00 -9.56 -31.01
C GLY C 122 -8.50 -9.93 -29.63
N SER C 123 -7.18 -10.01 -29.48
CA SER C 123 -6.61 -10.25 -28.16
C SER C 123 -5.20 -9.69 -28.00
N HIS C 124 -4.78 -9.57 -26.75
CA HIS C 124 -3.51 -8.96 -26.44
C HIS C 124 -2.98 -9.42 -25.09
N PRO C 125 -1.98 -10.31 -25.11
CA PRO C 125 -1.36 -10.71 -23.85
C PRO C 125 -0.43 -9.60 -23.36
N ALA C 127 2.32 -9.50 -22.21
CA ALA C 127 3.47 -10.39 -22.06
C ALA C 127 4.80 -9.75 -22.46
N GLY C 128 4.76 -8.71 -23.27
CA GLY C 128 5.98 -8.02 -23.68
C GLY C 128 6.35 -8.16 -25.14
N THR C 129 7.55 -7.68 -25.45
CA THR C 129 8.06 -7.58 -26.81
C THR C 129 9.54 -7.98 -26.83
N ALA C 130 9.87 -9.01 -27.60
CA ALA C 130 11.25 -9.46 -27.76
C ALA C 130 11.69 -9.39 -29.22
N ASN C 131 10.98 -10.13 -30.09
CA ASN C 131 11.24 -10.23 -31.54
C ASN C 131 11.43 -11.70 -31.94
N GLY C 133 12.71 -14.63 -31.70
CA GLY C 133 13.02 -15.92 -32.31
C GLY C 133 12.44 -17.09 -31.51
N TRP C 134 12.59 -18.30 -32.05
CA TRP C 134 12.09 -19.51 -31.38
C TRP C 134 12.83 -19.82 -30.06
N SER C 135 14.11 -19.44 -30.00
CA SER C 135 14.90 -19.62 -28.79
C SER C 135 14.38 -18.73 -27.64
N ALA C 136 13.66 -17.66 -27.99
CA ALA C 136 13.06 -16.74 -27.02
C ALA C 136 11.84 -17.32 -26.29
N SER C 137 11.26 -18.40 -26.82
CA SER C 137 10.10 -19.04 -26.19
C SER C 137 10.44 -19.63 -24.82
N ASP C 139 8.47 -21.40 -20.80
CA ASP C 139 7.35 -21.96 -20.06
C ASP C 139 6.84 -20.98 -18.99
N GLY C 140 5.52 -20.91 -18.85
CA GLY C 140 4.88 -20.08 -17.83
C GLY C 140 5.06 -18.57 -17.96
N LEU C 141 5.15 -18.07 -19.19
CA LEU C 141 5.28 -16.63 -19.45
C LEU C 141 3.98 -15.89 -19.16
N PHE C 142 2.85 -16.57 -19.42
CA PHE C 142 1.54 -15.97 -19.25
C PHE C 142 0.94 -16.22 -17.87
N LYS C 143 1.51 -17.12 -17.08
CA LYS C 143 0.99 -17.46 -15.74
C LYS C 143 0.84 -16.21 -14.86
N ARG C 144 -0.40 -15.90 -14.48
CA ARG C 144 -0.74 -14.68 -13.69
C ARG C 144 -0.54 -13.37 -14.49
N ALA C 145 -0.48 -13.47 -15.81
CA ALA C 145 -0.39 -12.31 -16.69
C ALA C 145 -1.78 -12.01 -17.25
N VAL C 146 -2.08 -10.73 -17.45
CA VAL C 146 -3.34 -10.34 -18.06
C VAL C 146 -3.32 -10.66 -19.55
N TRP C 147 -4.43 -11.16 -20.06
CA TRP C 147 -4.61 -11.38 -21.49
C TRP C 147 -5.92 -10.67 -21.84
N VAL C 148 -5.85 -9.66 -22.69
CA VAL C 148 -7.04 -8.89 -23.06
C VAL C 148 -7.76 -9.56 -24.22
N VAL C 149 -9.08 -9.65 -24.12
CA VAL C 149 -9.90 -10.23 -25.20
C VAL C 149 -10.99 -9.23 -25.58
N THR C 150 -11.07 -8.91 -26.87
CA THR C 150 -12.01 -7.90 -27.36
C THR C 150 -13.42 -8.44 -27.56
N PHE C 151 -14.39 -7.53 -27.62
CA PHE C 151 -15.79 -7.89 -27.84
C PHE C 151 -16.59 -6.80 -28.55
N ASP C 152 -15.91 -6.01 -29.39
CA ASP C 152 -16.56 -4.89 -30.06
C ASP C 152 -17.78 -5.30 -30.87
N GLN C 153 -17.69 -6.45 -31.54
CA GLN C 153 -18.76 -6.99 -32.38
C GLN C 153 -20.14 -6.93 -31.72
N LEU C 154 -20.18 -7.06 -30.39
CA LEU C 154 -21.42 -7.05 -29.63
C LEU C 154 -22.03 -5.65 -29.44
N PHE C 155 -21.33 -4.59 -29.85
CA PHE C 155 -21.84 -3.23 -29.65
C PHE C 155 -21.80 -2.28 -30.85
N ASP C 156 -21.04 -2.61 -31.89
CA ASP C 156 -21.02 -1.78 -33.11
C ASP C 156 -22.04 -2.34 -34.11
N GLY C 157 -22.08 -1.78 -35.32
CA GLY C 157 -23.01 -2.25 -36.35
C GLY C 157 -22.62 -3.60 -36.96
N THR C 158 -22.66 -4.66 -36.15
CA THR C 158 -22.29 -6.02 -36.59
C THR C 158 -23.32 -7.04 -36.08
N ASP C 159 -23.93 -7.78 -37.00
CA ASP C 159 -24.98 -8.76 -36.66
C ASP C 159 -24.38 -10.16 -36.55
N ILE C 160 -23.64 -10.40 -35.47
CA ILE C 160 -22.92 -11.68 -35.24
C ILE C 160 -23.82 -12.88 -34.95
N ASN C 161 -23.35 -14.06 -35.34
CA ASN C 161 -24.07 -15.32 -35.14
C ASN C 161 -23.76 -15.86 -33.73
N SER C 162 -24.08 -17.13 -33.50
CA SER C 162 -23.65 -17.82 -32.29
C SER C 162 -22.26 -18.43 -32.55
N THR C 163 -21.85 -18.45 -33.82
CA THR C 163 -20.53 -18.94 -34.19
C THR C 163 -19.45 -18.00 -33.68
N TRP C 164 -19.72 -16.70 -33.73
CA TRP C 164 -18.77 -15.74 -33.21
C TRP C 164 -18.62 -15.96 -31.69
N ILE C 165 -19.76 -16.08 -31.01
CA ILE C 165 -19.76 -16.38 -29.57
C ILE C 165 -18.90 -17.61 -29.29
N SER C 166 -19.00 -18.60 -30.15
CA SER C 166 -18.23 -19.83 -29.99
C SER C 166 -16.73 -19.60 -30.08
N ILE C 167 -16.31 -18.76 -31.02
CA ILE C 167 -14.88 -18.47 -31.22
C ILE C 167 -14.34 -17.72 -30.02
N TRP C 168 -15.06 -16.67 -29.65
CA TRP C 168 -14.74 -15.87 -28.48
C TRP C 168 -14.52 -16.76 -27.26
N LYS C 169 -15.42 -17.71 -27.05
CA LYS C 169 -15.31 -18.64 -25.93
C LYS C 169 -13.95 -19.34 -25.97
N ASP C 170 -13.59 -19.89 -27.13
CA ASP C 170 -12.31 -20.61 -27.28
C ASP C 170 -11.06 -19.72 -27.07
N VAL C 171 -11.10 -18.48 -27.55
CA VAL C 171 -9.98 -17.56 -27.32
C VAL C 171 -9.77 -17.35 -25.82
N VAL C 172 -10.88 -17.16 -25.11
CA VAL C 172 -10.85 -16.98 -23.65
C VAL C 172 -10.33 -18.27 -23.00
N GLN C 173 -10.79 -19.42 -23.49
CA GLN C 173 -10.33 -20.70 -22.95
C GLN C 173 -8.83 -20.88 -23.18
N ALA C 175 -6.49 -18.59 -23.50
CA ALA C 175 -5.73 -17.71 -22.61
C ALA C 175 -5.74 -18.26 -21.19
N LEU C 176 -6.89 -18.74 -20.72
CA LEU C 176 -6.99 -19.31 -19.38
C LEU C 176 -6.17 -20.61 -19.29
N ALA C 177 -6.15 -21.39 -20.36
CA ALA C 177 -5.42 -22.65 -20.40
C ALA C 177 -3.93 -22.45 -20.12
N VAL C 178 -3.38 -21.33 -20.58
CA VAL C 178 -1.97 -21.03 -20.36
C VAL C 178 -1.73 -20.20 -19.08
N GLY C 179 -2.70 -20.22 -18.16
CA GLY C 179 -2.57 -19.54 -16.87
C GLY C 179 -2.83 -18.05 -16.83
N ALA C 180 -3.27 -17.47 -17.95
CA ALA C 180 -3.51 -16.04 -18.02
C ALA C 180 -4.83 -15.62 -17.33
N GLU C 181 -4.90 -14.32 -17.00
CA GLU C 181 -6.08 -13.73 -16.43
C GLU C 181 -6.74 -12.91 -17.55
N VAL C 182 -7.89 -13.38 -18.02
CA VAL C 182 -8.56 -12.72 -19.13
C VAL C 182 -9.36 -11.51 -18.68
N VAL C 183 -9.06 -10.36 -19.27
CA VAL C 183 -9.80 -9.12 -19.00
C VAL C 183 -10.42 -8.67 -20.32
N PRO C 184 -11.76 -8.53 -20.36
CA PRO C 184 -12.35 -8.12 -21.61
C PRO C 184 -12.26 -6.62 -21.81
N SER C 185 -12.18 -6.17 -23.06
CA SER C 185 -12.22 -4.75 -23.37
C SER C 185 -12.44 -4.51 -24.86
N ARG C 186 -12.93 -3.33 -25.20
CA ARG C 186 -13.12 -2.92 -26.58
C ARG C 186 -11.90 -2.14 -27.04
N VAL C 187 -11.85 -1.79 -28.32
CA VAL C 187 -10.64 -1.19 -28.90
C VAL C 187 -10.27 0.17 -28.34
N GLY C 188 -11.25 1.08 -28.29
CA GLY C 188 -11.01 2.42 -27.80
C GLY C 188 -10.49 2.42 -26.37
N PRO C 189 -11.24 1.78 -25.45
CA PRO C 189 -10.84 1.69 -24.04
C PRO C 189 -9.50 0.99 -23.83
N HIS C 190 -9.24 -0.07 -24.57
CA HIS C 190 -7.96 -0.76 -24.45
C HIS C 190 -6.80 0.14 -24.93
N ASP C 191 -6.96 0.74 -26.11
CA ASP C 191 -5.91 1.59 -26.68
C ASP C 191 -5.67 2.86 -25.83
N ALA C 192 -6.70 3.35 -25.14
CA ALA C 192 -6.53 4.48 -24.23
C ALA C 192 -5.67 4.03 -23.05
N ALA C 193 -6.04 2.92 -22.43
CA ALA C 193 -5.25 2.37 -21.33
C ALA C 193 -3.82 2.05 -21.78
N ALA C 194 -3.70 1.34 -22.90
CA ALA C 194 -2.41 0.93 -23.42
C ALA C 194 -1.53 2.16 -23.59
N ALA C 195 -2.11 3.20 -24.20
CA ALA C 195 -1.41 4.46 -24.40
C ALA C 195 -0.81 4.97 -23.09
N ARG C 196 -1.56 4.85 -22.00
CA ARG C 196 -1.14 5.36 -20.70
C ARG C 196 -0.08 4.50 -20.01
N VAL C 197 -0.36 3.20 -19.88
CA VAL C 197 0.49 2.33 -19.08
C VAL C 197 1.63 1.64 -19.84
N SER C 198 1.56 1.56 -21.16
CA SER C 198 2.59 0.88 -21.92
C SER C 198 3.32 1.80 -22.89
N HIS C 199 2.59 2.47 -23.77
CA HIS C 199 3.26 3.25 -24.80
C HIS C 199 3.93 4.50 -24.22
N LEU C 200 3.20 5.27 -23.42
CA LEU C 200 3.79 6.43 -22.75
C LEU C 200 5.02 6.03 -21.93
N THR C 201 4.96 4.84 -21.32
CA THR C 201 6.08 4.28 -20.55
C THR C 201 7.31 4.18 -21.47
N HIS C 202 7.10 3.64 -22.66
CA HIS C 202 8.15 3.54 -23.66
C HIS C 202 8.69 4.92 -24.04
N ILE C 203 7.80 5.87 -24.37
CA ILE C 203 8.20 7.23 -24.75
C ILE C 203 9.02 7.90 -23.65
N LEU C 204 8.54 7.80 -22.41
CA LEU C 204 9.26 8.37 -21.28
C LEU C 204 10.62 7.69 -21.03
N ALA C 205 10.70 6.37 -21.25
CA ALA C 205 11.96 5.66 -21.05
C ALA C 205 13.00 6.04 -22.10
N GLU C 206 12.57 6.18 -23.35
CA GLU C 206 13.48 6.60 -24.40
C GLU C 206 14.02 7.98 -24.04
N THR C 207 13.12 8.84 -23.56
CA THR C 207 13.46 10.20 -23.25
C THR C 207 14.48 10.27 -22.12
N LEU C 208 14.22 9.52 -21.07
CA LEU C 208 15.09 9.51 -19.91
C LEU C 208 16.47 9.02 -20.33
N ALA C 209 16.47 7.95 -21.12
CA ALA C 209 17.71 7.35 -21.62
C ALA C 209 18.55 8.35 -22.41
N ILE C 210 17.90 9.23 -23.18
CA ILE C 210 18.62 10.20 -23.99
C ILE C 210 19.21 11.31 -23.12
N VAL C 211 18.43 11.78 -22.14
CA VAL C 211 18.88 12.84 -21.25
C VAL C 211 20.07 12.34 -20.42
N GLY C 212 20.03 11.08 -20.01
CA GLY C 212 21.15 10.49 -19.31
C GLY C 212 22.39 10.44 -20.21
N ASP C 213 22.17 10.07 -21.46
CA ASP C 213 23.25 9.95 -22.43
C ASP C 213 23.87 11.31 -22.72
N ASN C 214 23.02 12.31 -22.94
CA ASN C 214 23.46 13.69 -23.19
C ASN C 214 24.34 14.21 -22.05
N GLY C 215 24.13 13.69 -20.84
CA GLY C 215 24.95 14.06 -19.70
C GLY C 215 26.40 13.67 -19.86
N GLY C 216 26.64 12.58 -20.59
CA GLY C 216 28.01 12.12 -20.87
C GLY C 216 28.42 10.91 -20.05
N ALA C 217 29.71 10.63 -20.03
CA ALA C 217 30.26 9.49 -19.29
C ALA C 217 29.96 9.56 -17.79
N LEU C 218 30.06 10.75 -17.18
CA LEU C 218 29.85 10.88 -15.72
C LEU C 218 28.41 10.53 -15.34
N SER C 219 27.48 11.00 -16.14
CA SER C 219 26.06 10.76 -15.88
C SER C 219 25.74 9.28 -15.96
N LEU C 220 26.18 8.61 -17.01
CA LEU C 220 25.97 7.15 -17.14
C LEU C 220 26.73 6.36 -16.08
N SER C 221 27.90 6.85 -15.71
CA SER C 221 28.70 6.21 -14.67
C SER C 221 28.04 6.31 -13.29
N LEU C 222 27.25 7.36 -13.07
CA LEU C 222 26.61 7.59 -11.75
C LEU C 222 25.18 7.05 -11.67
N ALA C 223 24.56 6.79 -12.81
CA ALA C 223 23.21 6.22 -12.84
C ALA C 223 23.17 4.96 -11.99
N ALA C 224 22.09 4.82 -11.22
CA ALA C 224 21.93 3.69 -10.30
C ALA C 224 20.60 2.99 -10.54
N GLY C 225 20.14 2.25 -9.53
CA GLY C 225 18.90 1.46 -9.59
C GLY C 225 17.69 2.08 -10.27
N SER C 226 17.34 3.30 -9.88
CA SER C 226 16.14 3.95 -10.41
C SER C 226 16.20 4.14 -11.93
N TYR C 227 17.35 4.61 -12.43
CA TYR C 227 17.55 4.83 -13.86
C TYR C 227 17.54 3.49 -14.59
N ARG C 228 18.22 2.50 -14.01
CA ARG C 228 18.25 1.14 -14.58
C ARG C 228 16.84 0.61 -14.86
N ASP C 229 15.94 0.72 -13.88
CA ASP C 229 14.55 0.28 -14.01
C ASP C 229 13.72 1.16 -14.93
N SER C 230 13.89 2.47 -14.79
CA SER C 230 13.10 3.45 -15.54
C SER C 230 13.48 3.58 -17.02
N THR C 231 14.64 3.03 -17.40
CA THR C 231 15.10 3.06 -18.79
C THR C 231 15.10 1.66 -19.43
N ARG C 232 14.69 0.63 -18.68
CA ARG C 232 14.75 -0.74 -19.18
C ARG C 232 14.02 -0.92 -20.50
N VAL C 233 12.77 -0.45 -20.61
CA VAL C 233 12.03 -0.62 -21.87
C VAL C 233 12.72 0.05 -23.06
N ALA C 234 13.52 1.07 -22.81
CA ALA C 234 14.27 1.72 -23.87
C ALA C 234 15.16 0.74 -24.63
N GLY C 235 15.42 -0.42 -24.02
CA GLY C 235 16.19 -1.46 -24.68
C GLY C 235 15.42 -2.34 -25.66
N THR C 236 14.11 -2.11 -25.82
CA THR C 236 13.30 -2.94 -26.75
C THR C 236 13.59 -2.46 -28.17
N ASP C 237 13.76 -3.41 -29.09
N ASP C 237 13.73 -3.40 -29.11
CA ASP C 237 14.06 -3.08 -30.48
CA ASP C 237 14.00 -3.06 -30.54
C ASP C 237 13.28 -1.82 -30.90
C ASP C 237 13.26 -1.79 -30.90
N PRO C 238 13.98 -0.77 -31.40
CA PRO C 238 13.31 0.47 -31.74
C PRO C 238 12.17 0.34 -32.76
N GLY C 239 12.25 -0.62 -33.66
CA GLY C 239 11.17 -0.87 -34.62
C GLY C 239 9.87 -1.22 -33.94
N LEU C 240 9.95 -1.96 -32.84
CA LEU C 240 8.77 -2.35 -32.09
C LEU C 240 8.18 -1.17 -31.36
N VAL C 241 9.04 -0.29 -30.81
CA VAL C 241 8.55 0.91 -30.12
C VAL C 241 7.87 1.81 -31.13
N ARG C 242 8.46 1.97 -32.30
CA ARG C 242 7.84 2.72 -33.38
C ARG C 242 6.43 2.21 -33.70
N ALA C 243 6.33 0.98 -34.19
CA ALA C 243 5.05 0.39 -34.58
C ALA C 243 3.97 0.59 -33.52
N CYS C 245 3.80 2.71 -31.00
CA CYS C 245 3.39 4.09 -30.70
C CYS C 245 2.71 4.79 -31.88
N GLU C 246 3.26 4.59 -33.07
CA GLU C 246 2.76 5.24 -34.25
C GLU C 246 1.32 4.80 -34.54
N SER C 247 1.05 3.50 -34.37
CA SER C 247 -0.28 2.96 -34.63
C SER C 247 -1.31 3.41 -33.63
N ASN C 248 -0.86 3.83 -32.45
CA ASN C 248 -1.75 4.30 -31.40
C ASN C 248 -1.48 5.78 -31.14
N ALA C 249 -1.13 6.50 -32.20
CA ALA C 249 -0.76 7.91 -32.11
C ALA C 249 -1.81 8.79 -31.43
N GLY C 250 -3.08 8.58 -31.74
CA GLY C 250 -4.15 9.38 -31.18
C GLY C 250 -4.23 9.29 -29.66
N PRO C 251 -4.53 8.10 -29.13
CA PRO C 251 -4.58 7.93 -27.69
C PRO C 251 -3.26 8.27 -26.99
N LEU C 252 -2.13 8.03 -27.65
CA LEU C 252 -0.82 8.33 -27.05
C LEU C 252 -0.59 9.84 -26.90
N VAL C 253 -0.99 10.62 -27.90
CA VAL C 253 -0.88 12.08 -27.82
C VAL C 253 -1.66 12.57 -26.60
N LYS C 254 -2.88 12.08 -26.42
CA LYS C 254 -3.70 12.45 -25.25
C LYS C 254 -2.96 12.15 -23.94
N ALA C 255 -2.48 10.91 -23.80
CA ALA C 255 -1.75 10.46 -22.62
C ALA C 255 -0.50 11.34 -22.36
N LEU C 256 0.27 11.56 -23.43
CA LEU C 256 1.45 12.41 -23.41
C LEU C 256 1.12 13.84 -22.97
N ASP C 257 0.07 14.42 -23.54
CA ASP C 257 -0.37 15.76 -23.18
C ASP C 257 -0.62 15.90 -21.67
N GLU C 258 -1.21 14.89 -21.04
CA GLU C 258 -1.37 14.92 -19.59
C GLU C 258 -0.01 14.93 -18.91
N ALA C 259 0.93 14.16 -19.46
CA ALA C 259 2.28 14.10 -18.91
C ALA C 259 2.96 15.45 -19.01
N LEU C 260 2.79 16.11 -20.15
CA LEU C 260 3.39 17.43 -20.35
C LEU C 260 2.85 18.44 -19.34
N ALA C 261 1.54 18.48 -19.17
CA ALA C 261 0.88 19.39 -18.24
C ALA C 261 1.40 19.21 -16.82
N ILE C 262 1.64 17.95 -16.43
CA ILE C 262 2.15 17.64 -15.10
C ILE C 262 3.61 18.06 -14.97
N LEU C 263 4.40 17.75 -16.01
CA LEU C 263 5.79 18.10 -16.04
C LEU C 263 5.97 19.63 -16.00
N HIS C 264 5.13 20.37 -16.72
CA HIS C 264 5.18 21.85 -16.68
C HIS C 264 4.83 22.40 -15.30
N GLU C 265 3.82 21.83 -14.65
CA GLU C 265 3.46 22.24 -13.29
C GLU C 265 4.65 21.95 -12.36
N ALA C 266 5.36 20.86 -12.63
CA ALA C 266 6.52 20.48 -11.85
C ALA C 266 7.67 21.49 -12.03
N ARG C 267 7.83 21.97 -13.26
CA ARG C 267 8.86 22.97 -13.55
C ARG C 267 8.50 24.29 -12.85
N GLU C 268 7.21 24.64 -12.92
CA GLU C 268 6.69 25.84 -12.24
C GLU C 268 7.06 25.75 -10.76
N GLY C 269 6.85 24.59 -10.17
CA GLY C 269 7.16 24.35 -8.76
C GLY C 269 8.64 24.44 -8.40
N LEU C 270 9.50 24.05 -9.34
CA LEU C 270 10.96 24.02 -9.11
C LEU C 270 11.64 25.38 -9.30
N THR C 271 10.93 26.34 -9.88
CA THR C 271 11.50 27.68 -10.11
C THR C 271 11.02 28.74 -9.10
N ALA C 272 10.01 28.40 -8.30
CA ALA C 272 9.51 29.31 -7.25
C ALA C 272 10.62 29.74 -6.31
N GLU C 273 10.43 30.89 -5.65
CA GLU C 273 11.44 31.44 -4.71
C GLU C 273 11.95 30.34 -3.78
N GLN C 274 11.02 29.55 -3.26
CA GLN C 274 11.35 28.38 -2.44
C GLN C 274 10.81 27.14 -3.17
N PRO C 275 11.69 26.42 -3.91
CA PRO C 275 11.34 25.25 -4.71
C PRO C 275 10.50 24.20 -3.97
N ASN C 276 9.41 23.79 -4.61
CA ASN C 276 8.47 22.83 -4.03
C ASN C 276 7.79 22.00 -5.12
N ILE C 277 7.76 20.69 -4.92
CA ILE C 277 7.10 19.76 -5.85
C ILE C 277 6.14 18.86 -5.07
N GLU C 278 5.54 19.41 -4.00
CA GLU C 278 4.60 18.66 -3.19
C GLU C 278 3.53 18.00 -4.01
N GLN C 279 2.75 18.81 -4.73
CA GLN C 279 1.63 18.28 -5.50
C GLN C 279 2.06 17.02 -6.24
N LEU C 280 3.15 17.11 -7.00
CA LEU C 280 3.67 15.98 -7.79
C LEU C 280 4.07 14.79 -6.91
N ALA C 281 5.00 15.01 -5.98
CA ALA C 281 5.49 13.95 -5.11
C ALA C 281 4.32 13.24 -4.43
N ASP C 282 3.42 14.02 -3.83
CA ASP C 282 2.28 13.46 -3.11
C ASP C 282 1.31 12.73 -4.03
N ASN C 283 0.96 13.32 -5.18
CA ASN C 283 0.04 12.66 -6.12
C ASN C 283 0.64 11.41 -6.76
N GLY C 284 1.92 11.48 -7.09
CA GLY C 284 2.63 10.35 -7.66
C GLY C 284 2.67 9.20 -6.66
N TYR C 285 3.05 9.51 -5.43
CA TYR C 285 3.13 8.51 -4.36
C TYR C 285 1.76 7.90 -4.07
N ARG C 286 0.73 8.76 -4.02
CA ARG C 286 -0.64 8.31 -3.78
C ARG C 286 -1.08 7.33 -4.89
N SER C 287 -0.73 7.65 -6.13
CA SER C 287 -1.10 6.83 -7.30
C SER C 287 -0.43 5.47 -7.30
N ARG C 288 0.84 5.44 -6.91
CA ARG C 288 1.60 4.21 -6.86
C ARG C 288 0.98 3.24 -5.85
N ILE C 289 0.62 3.75 -4.68
CA ILE C 289 0.01 2.92 -3.64
C ILE C 289 -1.31 2.33 -4.14
N ARG C 290 -2.08 3.12 -4.88
CA ARG C 290 -3.32 2.64 -5.46
C ARG C 290 -3.07 1.52 -6.46
N TYR C 291 -2.01 1.65 -7.25
CA TYR C 291 -1.63 0.60 -8.20
C TYR C 291 -1.21 -0.68 -7.47
N GLU C 292 -0.40 -0.54 -6.42
CA GLU C 292 0.09 -1.69 -5.65
C GLU C 292 -1.00 -2.51 -4.94
N ALA C 293 -2.22 -1.98 -4.85
CA ALA C 293 -3.36 -2.73 -4.34
C ALA C 293 -4.17 -3.35 -5.50
N ARG C 294 -3.48 -3.81 -6.55
CA ARG C 294 -4.14 -4.39 -7.73
C ARG C 294 -3.17 -5.23 -8.60
N ARG C 312 -7.31 -7.79 -8.97
CA ARG C 312 -8.39 -7.68 -9.96
C ARG C 312 -9.61 -8.48 -9.56
N PRO C 313 -10.80 -7.83 -9.52
CA PRO C 313 -12.00 -8.60 -9.23
C PRO C 313 -12.32 -9.64 -10.31
N VAL C 314 -13.08 -10.67 -9.96
CA VAL C 314 -13.44 -11.72 -10.90
C VAL C 314 -14.94 -11.70 -11.17
N LEU C 315 -15.31 -11.69 -12.44
CA LEU C 315 -16.70 -11.75 -12.86
C LEU C 315 -16.90 -13.04 -13.63
N ARG C 316 -17.84 -13.85 -13.14
CA ARG C 316 -18.21 -15.10 -13.80
C ARG C 316 -19.37 -14.84 -14.74
N LEU C 317 -19.20 -15.25 -15.99
CA LEU C 317 -20.20 -15.02 -17.03
C LEU C 317 -20.57 -16.33 -17.72
N HIS C 318 -21.82 -16.38 -18.19
CA HIS C 318 -22.25 -17.45 -19.07
C HIS C 318 -22.77 -16.78 -20.33
N PRO C 319 -22.00 -16.89 -21.43
CA PRO C 319 -22.47 -16.37 -22.71
C PRO C 319 -23.82 -16.98 -23.03
N GLY C 320 -24.80 -16.13 -23.38
CA GLY C 320 -26.17 -16.58 -23.65
C GLY C 320 -27.18 -16.09 -22.63
N THR C 321 -26.72 -15.72 -21.43
CA THR C 321 -27.60 -15.20 -20.39
C THR C 321 -28.03 -13.78 -20.78
N PRO C 322 -29.33 -13.49 -20.72
CA PRO C 322 -29.76 -12.14 -21.08
C PRO C 322 -28.86 -11.07 -20.46
N ASN C 323 -28.45 -10.10 -21.28
CA ASN C 323 -27.57 -9.01 -20.85
C ASN C 323 -26.17 -9.43 -20.41
N TRP C 324 -25.69 -10.59 -20.86
CA TRP C 324 -24.34 -11.02 -20.54
C TRP C 324 -23.37 -10.09 -21.24
N GLU C 325 -23.77 -9.59 -22.40
CA GLU C 325 -22.93 -8.65 -23.17
C GLU C 325 -22.67 -7.38 -22.36
N LYS C 326 -23.65 -6.96 -21.58
CA LYS C 326 -23.50 -5.78 -20.76
C LYS C 326 -22.53 -6.02 -19.59
N GLN C 327 -22.45 -7.26 -19.09
CA GLN C 327 -21.49 -7.57 -18.02
C GLN C 327 -20.03 -7.42 -18.49
N LEU C 328 -19.77 -7.68 -19.77
CA LEU C 328 -18.44 -7.48 -20.34
C LEU C 328 -18.08 -6.01 -20.25
N ILE C 329 -19.03 -5.15 -20.64
CA ILE C 329 -18.84 -3.71 -20.52
C ILE C 329 -18.59 -3.33 -19.07
N HIS C 330 -19.25 -4.02 -18.15
CA HIS C 330 -19.03 -3.79 -16.73
C HIS C 330 -17.61 -4.23 -16.31
N ALA C 331 -17.18 -5.40 -16.78
CA ALA C 331 -15.82 -5.90 -16.45
C ALA C 331 -14.76 -4.98 -17.07
N GLU C 332 -15.05 -4.48 -18.26
CA GLU C 332 -14.16 -3.53 -18.93
C GLU C 332 -13.93 -2.30 -18.05
N THR C 333 -15.01 -1.74 -17.50
CA THR C 333 -14.92 -0.55 -16.65
C THR C 333 -14.10 -0.83 -15.40
N LEU C 334 -14.31 -2.01 -14.82
CA LEU C 334 -13.64 -2.42 -13.59
C LEU C 334 -12.23 -2.91 -13.80
N GLY C 335 -11.86 -3.20 -15.04
CA GLY C 335 -10.59 -3.86 -15.31
C GLY C 335 -10.62 -5.25 -14.69
N ALA C 336 -11.81 -5.82 -14.63
CA ALA C 336 -12.04 -7.12 -13.98
C ALA C 336 -11.65 -8.27 -14.89
N ARG C 337 -11.14 -9.35 -14.28
CA ARG C 337 -10.85 -10.55 -15.05
C ARG C 337 -12.08 -11.42 -15.03
N ILE C 338 -12.17 -12.37 -15.96
CA ILE C 338 -13.36 -13.18 -16.08
C ILE C 338 -13.05 -14.66 -16.13
N GLU C 339 -14.05 -15.45 -15.74
CA GLU C 339 -14.04 -16.90 -15.86
C GLU C 339 -15.36 -17.25 -16.55
N VAL C 340 -15.33 -18.17 -17.50
CA VAL C 340 -16.56 -18.53 -18.22
C VAL C 340 -17.06 -19.93 -17.90
N PHE C 341 -18.39 -20.06 -17.85
CA PHE C 341 -19.05 -21.34 -17.58
C PHE C 341 -20.27 -21.54 -18.49
N ASP D 6 44.14 0.36 3.81
CA ASP D 6 43.24 0.64 4.99
C ASP D 6 43.23 2.12 5.37
N ILE D 7 42.33 2.48 6.30
CA ILE D 7 42.09 3.88 6.69
C ILE D 7 43.02 4.23 7.84
N SER D 8 43.72 5.37 7.74
CA SER D 8 44.66 5.77 8.80
C SER D 8 43.97 6.17 10.09
N ARG D 9 42.78 6.75 9.98
CA ARG D 9 42.02 7.19 11.13
C ARG D 9 40.81 6.29 11.38
N PRO D 10 40.29 6.29 12.61
CA PRO D 10 39.03 5.59 12.85
C PRO D 10 37.85 6.43 12.34
N VAL D 11 36.86 5.80 11.74
CA VAL D 11 35.70 6.53 11.25
C VAL D 11 34.79 6.90 12.43
N CYS D 12 34.13 8.04 12.34
CA CYS D 12 33.13 8.47 13.33
C CYS D 12 31.86 8.87 12.59
N ILE D 13 30.84 8.00 12.63
CA ILE D 13 29.62 8.22 11.83
C ILE D 13 28.51 8.92 12.62
N LEU D 14 28.18 10.14 12.19
CA LEU D 14 27.13 10.93 12.82
C LEU D 14 25.81 10.74 12.08
N GLY D 15 24.94 9.90 12.65
CA GLY D 15 23.66 9.57 12.04
C GLY D 15 23.77 8.15 11.53
N LEU D 16 22.92 7.26 12.03
CA LEU D 16 22.98 5.85 11.69
C LEU D 16 21.68 5.32 11.08
N GLY D 17 21.31 5.87 9.92
CA GLY D 17 20.15 5.41 9.18
C GLY D 17 20.58 4.39 8.13
N LEU D 18 19.96 4.44 6.95
CA LEU D 18 20.31 3.52 5.89
C LEU D 18 21.78 3.60 5.54
N ILE D 19 22.27 4.81 5.34
CA ILE D 19 23.65 4.99 4.89
C ILE D 19 24.57 4.82 6.10
N GLY D 20 24.43 5.69 7.09
CA GLY D 20 25.29 5.65 8.28
C GLY D 20 25.38 4.29 8.94
N GLY D 21 24.23 3.73 9.28
CA GLY D 21 24.17 2.42 9.92
C GLY D 21 24.76 1.33 9.07
N SER D 22 24.47 1.34 7.77
CA SER D 22 25.08 0.36 6.87
C SER D 22 26.60 0.57 6.84
N LEU D 23 27.03 1.82 6.74
CA LEU D 23 28.46 2.09 6.73
C LEU D 23 29.10 1.49 7.99
N LEU D 24 28.51 1.73 9.16
CA LEU D 24 28.99 1.19 10.43
C LEU D 24 29.09 -0.33 10.40
N ARG D 25 28.09 -0.98 9.81
CA ARG D 25 28.09 -2.44 9.73
C ARG D 25 29.23 -2.96 8.87
N ASP D 26 29.41 -2.39 7.68
CA ASP D 26 30.44 -2.86 6.77
C ASP D 26 31.84 -2.62 7.33
N LEU D 27 32.02 -1.52 8.06
CA LEU D 27 33.32 -1.19 8.66
C LEU D 27 33.64 -2.12 9.82
N HIS D 28 32.64 -2.41 10.66
CA HIS D 28 32.81 -3.32 11.78
C HIS D 28 33.16 -4.71 11.24
N ALA D 29 32.39 -5.16 10.24
CA ALA D 29 32.60 -6.46 9.59
C ALA D 29 33.94 -6.54 8.88
N ALA D 30 34.38 -5.44 8.28
CA ALA D 30 35.71 -5.34 7.65
C ALA D 30 36.79 -5.24 8.71
N ASN D 31 36.37 -5.07 9.96
CA ASN D 31 37.25 -5.03 11.13
C ASN D 31 38.13 -3.79 11.21
N HIS D 32 37.59 -2.65 10.73
CA HIS D 32 38.27 -1.36 10.90
C HIS D 32 37.73 -0.73 12.19
N SER D 33 38.47 0.25 12.72
CA SER D 33 38.06 0.91 13.96
C SER D 33 36.97 1.92 13.60
N VAL D 34 35.87 1.91 14.35
CA VAL D 34 34.72 2.75 14.03
C VAL D 34 33.66 2.88 15.13
N PHE D 35 33.27 4.12 15.44
CA PHE D 35 32.17 4.38 16.38
C PHE D 35 31.18 5.37 15.77
N GLY D 36 30.08 5.65 16.46
CA GLY D 36 29.04 6.52 15.90
C GLY D 36 28.01 7.10 16.86
N TYR D 37 27.03 7.81 16.29
CA TYR D 37 25.99 8.53 17.03
C TYR D 37 24.63 8.45 16.37
N ASN D 38 23.60 8.24 17.19
CA ASN D 38 22.21 8.24 16.76
C ASN D 38 21.42 9.05 17.78
N ARG D 39 20.67 10.04 17.33
CA ARG D 39 19.92 10.90 18.25
C ARG D 39 18.83 10.12 18.99
N SER D 40 18.31 9.06 18.37
CA SER D 40 17.32 8.20 19.01
C SER D 40 18.00 7.39 20.11
N ARG D 41 17.50 7.53 21.34
CA ARG D 41 18.06 6.82 22.48
C ARG D 41 17.75 5.32 22.37
N SER D 42 16.58 5.01 21.80
CA SER D 42 16.19 3.63 21.52
C SER D 42 17.18 3.04 20.53
N GLY D 43 17.46 3.80 19.47
CA GLY D 43 18.39 3.39 18.43
C GLY D 43 19.77 3.06 18.97
N ALA D 44 20.34 3.98 19.75
CA ALA D 44 21.64 3.76 20.38
C ALA D 44 21.64 2.40 21.07
N LYS D 45 20.77 2.25 22.08
CA LYS D 45 20.63 1.02 22.85
C LYS D 45 20.64 -0.22 21.93
N SER D 46 19.76 -0.21 20.93
CA SER D 46 19.64 -1.33 19.99
C SER D 46 20.94 -1.69 19.31
N ALA D 47 21.76 -0.68 19.01
CA ALA D 47 23.07 -0.90 18.40
C ALA D 47 24.08 -1.43 19.44
N VAL D 48 24.18 -0.74 20.58
CA VAL D 48 25.13 -1.15 21.65
C VAL D 48 24.92 -2.62 22.03
N ASP D 49 23.67 -3.02 22.17
CA ASP D 49 23.33 -4.40 22.53
C ASP D 49 23.72 -5.40 21.44
N GLU D 50 23.61 -4.99 20.18
CA GLU D 50 24.02 -5.84 19.05
C GLU D 50 25.55 -5.91 18.92
N GLY D 51 26.28 -5.18 19.78
CA GLY D 51 27.74 -5.23 19.81
C GLY D 51 28.46 -4.13 19.05
N PHE D 52 27.78 -3.02 18.81
CA PHE D 52 28.40 -1.86 18.16
C PHE D 52 28.72 -0.79 19.19
N ASP D 53 29.54 0.18 18.78
CA ASP D 53 29.97 1.25 19.66
C ASP D 53 29.25 2.54 19.28
N VAL D 54 28.01 2.67 19.76
CA VAL D 54 27.14 3.78 19.39
C VAL D 54 26.69 4.54 20.62
N SER D 55 26.67 5.86 20.53
CA SER D 55 26.21 6.71 21.62
C SER D 55 25.04 7.58 21.13
N ALA D 56 24.36 8.24 22.06
CA ALA D 56 23.30 9.19 21.71
C ALA D 56 23.60 10.58 22.31
N ASP D 57 24.86 10.79 22.69
CA ASP D 57 25.34 12.05 23.25
C ASP D 57 26.25 12.67 22.20
N LEU D 58 25.65 13.43 21.28
CA LEU D 58 26.37 14.09 20.18
C LEU D 58 27.64 14.80 20.67
N GLU D 59 27.49 15.65 21.67
CA GLU D 59 28.59 16.43 22.21
C GLU D 59 29.78 15.57 22.68
N ALA D 60 29.50 14.46 23.37
CA ALA D 60 30.56 13.55 23.85
C ALA D 60 31.24 12.80 22.70
N THR D 61 30.44 12.34 21.74
CA THR D 61 30.96 11.62 20.57
C THR D 61 31.95 12.45 19.75
N LEU D 62 31.69 13.75 19.61
CA LEU D 62 32.58 14.65 18.88
C LEU D 62 33.89 14.88 19.66
N GLN D 63 33.77 15.18 20.95
CA GLN D 63 34.95 15.38 21.80
C GLN D 63 35.86 14.15 21.72
N ARG D 64 35.23 12.98 21.59
CA ARG D 64 35.95 11.74 21.39
C ARG D 64 36.60 11.74 20.00
N ALA D 65 35.80 12.06 18.99
CA ALA D 65 36.29 12.17 17.62
C ALA D 65 37.51 13.09 17.60
N ALA D 66 37.40 14.24 18.27
CA ALA D 66 38.49 15.20 18.36
C ALA D 66 39.77 14.57 18.88
N ALA D 67 39.72 14.03 20.10
CA ALA D 67 40.92 13.47 20.75
C ALA D 67 41.51 12.27 19.99
N GLU D 68 40.66 11.55 19.28
CA GLU D 68 41.07 10.33 18.57
C GLU D 68 41.42 10.62 17.10
N ASP D 69 41.12 11.86 16.66
CA ASP D 69 41.32 12.35 15.28
C ASP D 69 40.45 11.67 14.22
N ALA D 70 39.41 10.94 14.63
CA ALA D 70 38.58 10.18 13.70
C ALA D 70 38.06 10.98 12.49
N LEU D 71 37.92 10.28 11.37
CA LEU D 71 37.32 10.87 10.18
C LEU D 71 35.83 10.95 10.46
N ILE D 72 35.25 12.14 10.42
CA ILE D 72 33.83 12.31 10.74
C ILE D 72 32.93 12.22 9.50
N VAL D 73 32.02 11.25 9.48
CA VAL D 73 31.04 11.15 8.40
C VAL D 73 29.70 11.68 8.91
N LEU D 74 29.04 12.53 8.12
CA LEU D 74 27.74 13.08 8.49
C LEU D 74 26.66 12.39 7.67
N ALA D 75 26.01 11.39 8.26
CA ALA D 75 24.93 10.64 7.59
C ALA D 75 23.55 11.06 8.10
N VAL D 76 23.24 12.33 7.94
CA VAL D 76 21.93 12.89 8.31
C VAL D 76 21.35 13.48 7.02
N PRO D 77 20.06 13.86 7.03
CA PRO D 77 19.49 14.42 5.79
C PRO D 77 19.89 15.88 5.63
N THR D 79 18.37 18.62 5.72
CA THR D 79 17.78 19.55 6.70
C THR D 79 18.43 19.51 8.09
N ALA D 80 19.35 18.56 8.32
CA ALA D 80 20.08 18.47 9.60
C ALA D 80 21.55 18.87 9.47
N ILE D 81 22.04 19.00 8.23
CA ILE D 81 23.44 19.26 7.99
C ILE D 81 23.97 20.57 8.62
N ASP D 82 23.26 21.67 8.41
CA ASP D 82 23.72 22.98 8.92
C ASP D 82 23.98 22.94 10.42
N SER D 83 23.03 22.42 11.20
CA SER D 83 23.23 22.34 12.66
C SER D 83 24.33 21.34 13.05
N LEU D 84 24.57 20.34 12.21
CA LEU D 84 25.65 19.37 12.45
C LEU D 84 27.01 20.00 12.17
N LEU D 85 27.09 20.78 11.11
CA LEU D 85 28.34 21.47 10.75
C LEU D 85 28.78 22.44 11.85
N ASP D 86 27.82 23.14 12.44
CA ASP D 86 28.11 24.03 13.58
C ASP D 86 28.67 23.20 14.74
N ALA D 87 28.04 22.06 15.00
CA ALA D 87 28.46 21.15 16.07
C ALA D 87 29.88 20.65 15.87
N VAL D 88 30.22 20.31 14.63
CA VAL D 88 31.56 19.83 14.32
C VAL D 88 32.57 20.95 14.49
N HIS D 89 32.26 22.13 13.96
CA HIS D 89 33.13 23.28 14.07
C HIS D 89 33.54 23.52 15.53
N THR D 90 32.55 23.49 16.40
CA THR D 90 32.72 23.76 17.83
C THR D 90 33.50 22.68 18.58
N HIS D 91 33.22 21.41 18.30
CA HIS D 91 33.80 20.31 19.09
C HIS D 91 34.92 19.48 18.43
N ALA D 92 35.04 19.53 17.11
CA ALA D 92 36.11 18.81 16.39
C ALA D 92 36.57 19.62 15.16
N PRO D 93 37.11 20.82 15.40
CA PRO D 93 37.48 21.77 14.34
C PRO D 93 38.66 21.31 13.46
N ASN D 94 39.59 20.59 14.08
CA ASN D 94 40.79 20.07 13.43
C ASN D 94 40.51 18.77 12.64
N ASN D 95 39.41 18.09 12.95
CA ASN D 95 39.07 16.82 12.31
C ASN D 95 38.62 16.93 10.89
N GLY D 96 39.04 15.96 10.09
CA GLY D 96 38.58 15.85 8.72
C GLY D 96 37.19 15.24 8.73
N PHE D 97 36.34 15.73 7.83
CA PHE D 97 35.00 15.19 7.73
C PHE D 97 34.50 15.11 6.30
N THR D 98 33.41 14.38 6.14
CA THR D 98 32.78 14.15 4.85
C THR D 98 31.29 13.98 5.10
N ASP D 99 30.48 14.17 4.07
CA ASP D 99 29.03 13.97 4.18
C ASP D 99 28.61 12.87 3.22
N VAL D 100 27.32 12.55 3.20
CA VAL D 100 26.78 11.51 2.31
C VAL D 100 25.43 11.91 1.67
N VAL D 101 25.13 13.20 1.69
CA VAL D 101 23.90 13.73 1.11
C VAL D 101 23.93 13.58 -0.40
N SER D 102 22.79 13.28 -1.01
CA SER D 102 22.72 13.05 -2.46
C SER D 102 22.98 14.29 -3.34
N VAL D 103 22.87 15.49 -2.76
CA VAL D 103 23.16 16.72 -3.47
C VAL D 103 24.46 17.28 -2.92
N LYS D 104 25.30 17.83 -3.78
CA LYS D 104 26.65 18.23 -3.37
C LYS D 104 26.93 19.73 -3.27
N THR D 105 26.29 20.55 -4.09
CA THR D 105 26.56 21.99 -4.06
C THR D 105 26.11 22.66 -2.76
N ALA D 106 24.88 22.43 -2.34
CA ALA D 106 24.35 23.05 -1.12
C ALA D 106 25.26 22.78 0.10
N VAL D 107 25.80 21.56 0.17
CA VAL D 107 26.62 21.17 1.31
C VAL D 107 27.94 21.92 1.29
N TYR D 108 28.58 21.97 0.12
CA TYR D 108 29.84 22.70 -0.03
C TYR D 108 29.62 24.17 0.28
N ASP D 109 28.54 24.76 -0.25
CA ASP D 109 28.19 26.16 0.06
C ASP D 109 28.14 26.40 1.58
N ALA D 110 27.48 25.49 2.29
CA ALA D 110 27.36 25.58 3.74
C ALA D 110 28.73 25.47 4.39
N VAL D 111 29.54 24.51 3.93
CA VAL D 111 30.88 24.30 4.46
C VAL D 111 31.75 25.56 4.27
N LYS D 112 31.66 26.17 3.10
CA LYS D 112 32.40 27.43 2.84
C LYS D 112 31.86 28.53 3.75
N ALA D 113 30.54 28.64 3.83
CA ALA D 113 29.85 29.61 4.68
C ALA D 113 30.42 29.62 6.11
N ARG D 114 30.79 28.44 6.60
CA ARG D 114 31.34 28.29 7.95
C ARG D 114 32.87 28.18 7.96
N ASN D 115 33.48 28.48 6.82
CA ASN D 115 34.95 28.43 6.63
C ASN D 115 35.59 27.09 7.01
N GLN D 117 35.94 24.52 4.62
CA GLN D 117 36.42 23.84 3.41
C GLN D 117 37.83 23.24 3.52
N HIS D 118 38.66 23.76 4.43
CA HIS D 118 40.01 23.22 4.62
C HIS D 118 40.05 21.79 5.17
N ARG D 119 38.95 21.31 5.76
CA ARG D 119 38.88 19.96 6.34
C ARG D 119 37.75 19.08 5.74
N TYR D 120 37.08 19.59 4.72
CA TYR D 120 35.92 18.91 4.13
C TYR D 120 36.22 18.27 2.79
N VAL D 121 36.00 16.96 2.71
CA VAL D 121 35.99 16.22 1.45
C VAL D 121 34.58 15.68 1.32
N GLY D 122 33.79 16.26 0.42
CA GLY D 122 32.41 15.83 0.24
C GLY D 122 32.34 14.47 -0.41
N SER D 123 31.27 13.73 -0.14
CA SER D 123 31.08 12.43 -0.80
C SER D 123 29.60 12.06 -0.95
N HIS D 124 29.34 11.09 -1.82
CA HIS D 124 27.96 10.64 -2.08
C HIS D 124 27.91 9.24 -2.67
N PRO D 125 27.41 8.27 -1.88
CA PRO D 125 27.24 6.91 -2.38
C PRO D 125 25.90 6.74 -3.06
N ALA D 127 23.44 4.76 -3.16
CA ALA D 127 22.93 3.62 -2.38
C ALA D 127 21.41 3.60 -2.13
N GLY D 128 20.69 4.58 -2.67
CA GLY D 128 19.24 4.65 -2.49
C GLY D 128 18.78 5.50 -1.31
N THR D 129 17.45 5.64 -1.22
CA THR D 129 16.75 6.50 -0.24
C THR D 129 17.43 6.64 1.13
N ALA D 130 17.58 7.88 1.61
CA ALA D 130 18.20 8.16 2.91
C ALA D 130 17.37 7.61 4.10
N SER D 132 16.74 7.00 6.75
CA SER D 132 15.64 6.42 7.52
C SER D 132 16.07 6.31 9.00
N GLY D 133 15.80 5.17 9.65
CA GLY D 133 16.26 4.91 11.04
C GLY D 133 17.22 3.73 11.08
N TRP D 134 17.74 3.42 12.28
CA TRP D 134 18.71 2.34 12.49
C TRP D 134 18.28 0.95 12.00
N SER D 135 16.97 0.69 11.99
CA SER D 135 16.44 -0.60 11.56
C SER D 135 16.54 -0.81 10.04
N ALA D 136 16.88 0.23 9.29
CA ALA D 136 17.02 0.10 7.83
C ALA D 136 18.45 -0.31 7.43
N SER D 137 19.38 -0.28 8.38
CA SER D 137 20.77 -0.62 8.10
C SER D 137 20.90 -2.07 7.66
N ASP D 139 23.97 -5.09 5.56
CA ASP D 139 25.35 -5.42 5.26
C ASP D 139 25.56 -5.51 3.74
N GLY D 140 26.72 -5.05 3.27
CA GLY D 140 27.09 -5.10 1.85
C GLY D 140 26.30 -4.20 0.93
N LEU D 141 25.83 -3.06 1.44
CA LEU D 141 25.01 -2.13 0.65
C LEU D 141 25.77 -1.45 -0.47
N PHE D 142 27.06 -1.24 -0.24
CA PHE D 142 27.93 -0.50 -1.16
C PHE D 142 28.78 -1.38 -2.09
N LYS D 143 28.77 -2.70 -1.89
CA LYS D 143 29.57 -3.56 -2.73
C LYS D 143 29.15 -3.39 -4.20
N ARG D 144 30.12 -3.00 -5.05
CA ARG D 144 29.91 -2.75 -6.48
C ARG D 144 28.99 -1.56 -6.78
N ALA D 145 28.90 -0.60 -5.86
CA ALA D 145 28.17 0.64 -6.12
C ALA D 145 29.14 1.82 -6.17
N VAL D 146 28.79 2.82 -6.97
CA VAL D 146 29.58 4.04 -7.10
C VAL D 146 29.49 4.91 -5.85
N TRP D 147 30.62 5.44 -5.43
CA TRP D 147 30.72 6.33 -4.28
C TRP D 147 31.47 7.56 -4.75
N VAL D 148 30.73 8.62 -5.05
CA VAL D 148 31.37 9.84 -5.53
C VAL D 148 32.17 10.48 -4.40
N VAL D 149 33.35 11.00 -4.72
CA VAL D 149 34.17 11.79 -3.80
C VAL D 149 34.51 13.11 -4.49
N THR D 150 34.32 14.21 -3.78
CA THR D 150 34.57 15.53 -4.36
C THR D 150 36.02 15.95 -4.21
N PHE D 151 36.37 17.05 -4.91
CA PHE D 151 37.75 17.59 -4.89
C PHE D 151 37.81 19.05 -5.38
N ASP D 152 36.74 19.80 -5.19
CA ASP D 152 36.66 21.16 -5.73
C ASP D 152 37.78 22.03 -5.21
N GLN D 153 38.13 21.82 -3.94
CA GLN D 153 39.20 22.59 -3.29
C GLN D 153 40.48 22.72 -4.11
N LEU D 154 40.78 21.70 -4.90
CA LEU D 154 41.98 21.70 -5.74
C LEU D 154 41.89 22.64 -6.94
N PHE D 155 40.67 22.99 -7.36
CA PHE D 155 40.45 23.80 -8.58
C PHE D 155 39.66 25.12 -8.43
N ASP D 156 39.25 25.46 -7.21
CA ASP D 156 38.77 26.81 -6.95
C ASP D 156 39.94 27.55 -6.26
N GLY D 157 39.68 28.59 -5.50
CA GLY D 157 40.79 29.31 -4.89
C GLY D 157 41.34 28.66 -3.63
N THR D 158 40.55 27.78 -3.02
CA THR D 158 40.87 27.19 -1.73
C THR D 158 42.32 26.79 -1.68
N ASP D 159 43.06 27.36 -0.74
CA ASP D 159 44.45 27.03 -0.58
C ASP D 159 44.50 25.94 0.49
N ILE D 160 44.57 24.70 0.02
CA ILE D 160 44.61 23.53 0.89
C ILE D 160 46.06 23.11 1.13
N ASN D 161 46.27 22.09 1.95
CA ASN D 161 47.62 21.64 2.24
C ASN D 161 47.71 20.11 2.40
N SER D 162 48.88 19.65 2.82
CA SER D 162 49.12 18.23 3.12
C SER D 162 47.96 17.62 3.88
N THR D 163 47.44 18.33 4.88
CA THR D 163 46.36 17.81 5.71
C THR D 163 45.11 17.42 4.91
N TRP D 164 44.71 18.25 3.95
CA TRP D 164 43.51 17.98 3.16
C TRP D 164 43.67 16.70 2.33
N ILE D 165 44.80 16.58 1.63
CA ILE D 165 45.11 15.38 0.85
C ILE D 165 45.04 14.12 1.72
N SER D 166 45.55 14.20 2.94
CA SER D 166 45.51 13.07 3.87
C SER D 166 44.08 12.65 4.21
N ILE D 167 43.24 13.64 4.49
CA ILE D 167 41.82 13.40 4.75
C ILE D 167 41.15 12.79 3.51
N TRP D 168 41.44 13.37 2.35
CA TRP D 168 40.87 12.89 1.10
C TRP D 168 41.19 11.40 0.91
N LYS D 169 42.44 11.02 1.11
CA LYS D 169 42.84 9.62 0.95
C LYS D 169 42.00 8.70 1.83
N ASP D 170 41.80 9.07 3.09
CA ASP D 170 41.02 8.23 4.00
C ASP D 170 39.56 8.07 3.61
N VAL D 171 38.97 9.11 3.04
CA VAL D 171 37.60 9.00 2.55
C VAL D 171 37.59 7.95 1.44
N VAL D 172 38.55 8.03 0.53
CA VAL D 172 38.62 7.10 -0.59
C VAL D 172 38.86 5.67 -0.09
N GLN D 173 39.80 5.49 0.83
CA GLN D 173 40.07 4.18 1.41
C GLN D 173 38.84 3.62 2.15
N ALA D 175 35.59 4.31 1.47
CA ALA D 175 34.64 3.89 0.44
C ALA D 175 35.09 2.59 -0.25
N LEU D 176 36.39 2.45 -0.50
CA LEU D 176 36.94 1.24 -1.13
C LEU D 176 36.86 0.03 -0.20
N ALA D 177 37.02 0.29 1.10
CA ALA D 177 37.00 -0.76 2.13
C ALA D 177 35.61 -1.36 2.37
N VAL D 178 34.57 -0.73 1.81
CA VAL D 178 33.21 -1.28 1.88
C VAL D 178 32.80 -1.81 0.50
N GLY D 179 33.78 -2.00 -0.37
CA GLY D 179 33.57 -2.59 -1.68
C GLY D 179 33.06 -1.65 -2.75
N ALA D 180 33.01 -0.36 -2.43
CA ALA D 180 32.50 0.63 -3.37
C ALA D 180 33.53 1.02 -4.42
N GLU D 181 33.04 1.63 -5.48
CA GLU D 181 33.88 2.12 -6.56
C GLU D 181 33.85 3.64 -6.50
N VAL D 182 35.00 4.24 -6.21
CA VAL D 182 35.09 5.68 -6.04
C VAL D 182 35.29 6.38 -7.36
N VAL D 183 34.35 7.27 -7.70
CA VAL D 183 34.40 8.06 -8.92
C VAL D 183 34.46 9.51 -8.47
N PRO D 184 35.59 10.21 -8.71
CA PRO D 184 35.68 11.57 -8.21
C PRO D 184 35.02 12.59 -9.14
N SER D 185 34.45 13.63 -8.54
CA SER D 185 33.81 14.70 -9.31
C SER D 185 33.67 15.97 -8.49
N ARG D 186 33.66 17.10 -9.20
CA ARG D 186 33.38 18.38 -8.58
C ARG D 186 31.86 18.48 -8.38
N VAL D 187 31.44 19.47 -7.62
CA VAL D 187 30.02 19.59 -7.24
C VAL D 187 29.08 19.94 -8.41
N GLY D 188 29.54 20.75 -9.36
CA GLY D 188 28.73 21.11 -10.52
C GLY D 188 28.41 19.91 -11.42
N PRO D 189 29.46 19.21 -11.90
CA PRO D 189 29.31 18.01 -12.70
C PRO D 189 28.47 16.94 -12.01
N HIS D 190 28.65 16.82 -10.70
CA HIS D 190 27.91 15.85 -9.92
C HIS D 190 26.42 16.10 -9.85
N ASP D 191 26.05 17.36 -9.60
CA ASP D 191 24.65 17.71 -9.48
C ASP D 191 23.99 17.74 -10.87
N ALA D 192 24.77 18.00 -11.92
CA ALA D 192 24.26 17.91 -13.27
C ALA D 192 23.92 16.47 -13.57
N ALA D 193 24.81 15.57 -13.16
CA ALA D 193 24.62 14.14 -13.36
C ALA D 193 23.46 13.62 -12.53
N ALA D 194 23.49 13.90 -11.22
CA ALA D 194 22.43 13.44 -10.32
C ALA D 194 21.08 13.99 -10.74
N ALA D 195 21.07 15.13 -11.40
CA ALA D 195 19.81 15.71 -11.89
C ALA D 195 19.28 14.86 -13.03
N ARG D 196 20.17 14.48 -13.92
CA ARG D 196 19.80 13.71 -15.10
C ARG D 196 19.35 12.29 -14.80
N VAL D 197 20.17 11.51 -14.10
CA VAL D 197 19.90 10.08 -13.93
C VAL D 197 19.20 9.68 -12.63
N SER D 198 19.05 10.59 -11.68
CA SER D 198 18.40 10.28 -10.41
C SER D 198 17.15 11.11 -10.15
N HIS D 199 17.28 12.43 -10.23
CA HIS D 199 16.18 13.31 -9.87
C HIS D 199 15.13 13.35 -10.97
N LEU D 200 15.55 13.59 -12.21
CA LEU D 200 14.62 13.56 -13.35
C LEU D 200 13.89 12.22 -13.36
N THR D 201 14.61 11.15 -13.01
CA THR D 201 14.05 9.80 -12.96
C THR D 201 12.81 9.77 -12.06
N HIS D 202 12.95 10.33 -10.87
CA HIS D 202 11.84 10.40 -9.92
C HIS D 202 10.70 11.25 -10.49
N ILE D 203 11.03 12.42 -11.05
CA ILE D 203 10.03 13.31 -11.64
C ILE D 203 9.17 12.57 -12.68
N LEU D 204 9.81 11.89 -13.61
CA LEU D 204 9.10 11.15 -14.66
C LEU D 204 8.28 10.00 -14.06
N ALA D 205 8.86 9.26 -13.12
CA ALA D 205 8.14 8.17 -12.41
C ALA D 205 6.85 8.66 -11.71
N GLU D 206 6.92 9.82 -11.03
CA GLU D 206 5.73 10.39 -10.40
C GLU D 206 4.69 10.73 -11.48
N THR D 207 5.16 11.25 -12.61
CA THR D 207 4.27 11.67 -13.70
C THR D 207 3.60 10.48 -14.35
N LEU D 208 4.38 9.43 -14.60
CA LEU D 208 3.84 8.23 -15.22
C LEU D 208 2.78 7.67 -14.29
N ALA D 209 3.11 7.58 -13.00
CA ALA D 209 2.19 7.10 -11.97
C ALA D 209 0.87 7.82 -12.01
N ILE D 210 0.90 9.13 -12.21
CA ILE D 210 -0.31 9.96 -12.22
C ILE D 210 -1.13 9.78 -13.50
N VAL D 211 -0.45 9.69 -14.64
CA VAL D 211 -1.13 9.55 -15.92
C VAL D 211 -1.83 8.20 -15.99
N GLY D 212 -1.14 7.16 -15.55
CA GLY D 212 -1.72 5.82 -15.49
C GLY D 212 -2.90 5.79 -14.53
N ASP D 213 -2.74 6.43 -13.39
CA ASP D 213 -3.82 6.47 -12.42
C ASP D 213 -5.04 7.24 -12.96
N ASN D 214 -4.82 8.27 -13.77
CA ASN D 214 -5.92 9.04 -14.36
C ASN D 214 -6.75 8.25 -15.36
N GLY D 215 -6.22 7.11 -15.83
CA GLY D 215 -6.93 6.24 -16.74
C GLY D 215 -7.94 5.34 -16.06
N GLY D 216 -7.88 5.28 -14.72
CA GLY D 216 -8.82 4.50 -13.95
C GLY D 216 -8.54 3.01 -13.89
N ALA D 217 -9.57 2.26 -13.52
CA ALA D 217 -9.48 0.83 -13.25
C ALA D 217 -8.84 0.03 -14.39
N LEU D 218 -9.27 0.29 -15.62
CA LEU D 218 -8.77 -0.45 -16.78
C LEU D 218 -7.27 -0.25 -16.99
N SER D 219 -6.81 1.01 -16.95
CA SER D 219 -5.39 1.28 -17.17
C SER D 219 -4.51 0.57 -16.15
N LEU D 220 -4.94 0.58 -14.89
CA LEU D 220 -4.18 -0.06 -13.80
C LEU D 220 -4.19 -1.58 -13.91
N SER D 221 -5.27 -2.13 -14.46
CA SER D 221 -5.37 -3.56 -14.68
C SER D 221 -4.46 -4.01 -15.83
N LEU D 222 -4.33 -3.19 -16.87
CA LEU D 222 -3.48 -3.54 -18.01
C LEU D 222 -2.00 -3.14 -17.85
N ALA D 223 -1.62 -2.58 -16.71
CA ALA D 223 -0.23 -2.19 -16.48
C ALA D 223 0.68 -3.42 -16.34
N ALA D 224 1.61 -3.60 -17.27
CA ALA D 224 2.50 -4.76 -17.28
C ALA D 224 3.80 -4.39 -16.59
N GLY D 225 4.86 -5.15 -16.86
CA GLY D 225 6.16 -5.00 -16.20
C GLY D 225 6.90 -3.71 -16.45
N SER D 226 6.73 -3.15 -17.65
CA SER D 226 7.39 -1.88 -17.99
C SER D 226 6.93 -0.78 -17.03
N TYR D 227 5.62 -0.72 -16.83
CA TYR D 227 4.98 0.26 -15.94
C TYR D 227 5.35 0.05 -14.49
N ARG D 228 5.47 -1.22 -14.10
CA ARG D 228 5.83 -1.56 -12.75
C ARG D 228 7.25 -1.08 -12.47
N ASP D 229 8.14 -1.32 -13.42
CA ASP D 229 9.52 -0.89 -13.29
C ASP D 229 9.66 0.62 -13.33
N SER D 230 8.93 1.30 -14.21
CA SER D 230 9.09 2.74 -14.37
C SER D 230 8.43 3.56 -13.26
N THR D 231 7.54 2.97 -12.48
CA THR D 231 6.90 3.72 -11.39
C THR D 231 7.32 3.20 -10.03
N ARG D 232 8.36 2.36 -9.98
CA ARG D 232 8.84 1.85 -8.70
C ARG D 232 9.33 2.97 -7.76
N VAL D 233 10.13 3.90 -8.27
CA VAL D 233 10.61 5.00 -7.41
C VAL D 233 9.51 5.98 -7.05
N ALA D 234 8.39 5.95 -7.76
CA ALA D 234 7.23 6.78 -7.40
C ALA D 234 6.70 6.40 -6.02
N GLY D 235 7.11 5.23 -5.53
CA GLY D 235 6.76 4.76 -4.20
C GLY D 235 7.70 5.16 -3.08
N THR D 236 8.85 5.77 -3.38
CA THR D 236 9.74 6.23 -2.30
C THR D 236 9.04 7.40 -1.59
N ASP D 237 9.29 7.54 -0.29
CA ASP D 237 8.61 8.54 0.54
C ASP D 237 8.64 9.93 -0.12
N PRO D 238 7.47 10.59 -0.26
CA PRO D 238 7.42 11.91 -0.89
C PRO D 238 8.41 12.91 -0.31
N GLY D 239 8.56 12.93 1.01
CA GLY D 239 9.51 13.83 1.69
C GLY D 239 10.94 13.67 1.19
N LEU D 240 11.36 12.42 1.00
CA LEU D 240 12.70 12.12 0.46
C LEU D 240 12.85 12.51 -1.01
N VAL D 241 11.77 12.34 -1.79
CA VAL D 241 11.75 12.76 -3.22
C VAL D 241 11.85 14.27 -3.25
N ARG D 242 11.04 14.91 -2.42
CA ARG D 242 11.02 16.37 -2.32
C ARG D 242 12.38 16.93 -1.93
N ALA D 243 13.10 16.25 -1.04
CA ALA D 243 14.44 16.67 -0.61
C ALA D 243 15.45 16.64 -1.76
N CYS D 245 15.04 16.60 -5.09
CA CYS D 245 14.73 17.49 -6.21
C CYS D 245 14.75 18.94 -5.89
N GLU D 246 14.21 19.28 -4.73
CA GLU D 246 14.19 20.67 -4.30
C GLU D 246 15.62 21.15 -4.04
N SER D 247 16.41 20.36 -3.31
CA SER D 247 17.85 20.65 -3.08
C SER D 247 18.57 21.04 -4.37
N ASN D 248 18.30 20.29 -5.42
CA ASN D 248 18.98 20.43 -6.69
C ASN D 248 18.07 21.03 -7.77
N ALA D 249 17.25 22.00 -7.35
CA ALA D 249 16.23 22.63 -8.22
C ALA D 249 16.75 23.15 -9.58
N GLY D 250 17.90 23.82 -9.56
CA GLY D 250 18.44 24.46 -10.76
C GLY D 250 18.87 23.52 -11.87
N PRO D 251 19.80 22.59 -11.55
CA PRO D 251 20.22 21.58 -12.51
C PRO D 251 19.08 20.65 -12.92
N LEU D 252 18.16 20.36 -11.99
CA LEU D 252 17.01 19.53 -12.32
C LEU D 252 16.18 20.22 -13.40
N VAL D 253 15.97 21.53 -13.26
CA VAL D 253 15.26 22.28 -14.29
C VAL D 253 15.99 22.18 -15.62
N LYS D 254 17.33 22.19 -15.59
CA LYS D 254 18.11 22.03 -16.83
C LYS D 254 17.85 20.64 -17.43
N ALA D 255 17.80 19.62 -16.58
CA ALA D 255 17.53 18.26 -17.05
C ALA D 255 16.10 18.14 -17.56
N LEU D 256 15.16 18.67 -16.78
CA LEU D 256 13.75 18.65 -17.12
C LEU D 256 13.46 19.35 -18.46
N ASP D 257 14.16 20.44 -18.73
CA ASP D 257 13.98 21.17 -19.98
C ASP D 257 14.42 20.35 -21.20
N GLU D 258 15.47 19.55 -21.06
CA GLU D 258 15.86 18.65 -22.16
C GLU D 258 14.79 17.57 -22.38
N ALA D 259 14.31 17.01 -21.29
CA ALA D 259 13.22 16.04 -21.32
C ALA D 259 12.02 16.62 -22.07
N LEU D 260 11.69 17.87 -21.74
CA LEU D 260 10.57 18.56 -22.36
C LEU D 260 10.82 18.83 -23.83
N ALA D 261 12.06 19.16 -24.20
CA ALA D 261 12.38 19.41 -25.60
C ALA D 261 12.07 18.15 -26.40
N ILE D 262 12.59 17.03 -25.92
CA ILE D 262 12.43 15.73 -26.56
C ILE D 262 10.95 15.32 -26.68
N LEU D 263 10.20 15.45 -25.59
CA LEU D 263 8.81 15.03 -25.60
C LEU D 263 7.95 15.82 -26.61
N HIS D 264 8.20 17.13 -26.73
CA HIS D 264 7.52 17.99 -27.73
C HIS D 264 7.91 17.57 -29.16
N GLU D 265 9.17 17.20 -29.35
CA GLU D 265 9.61 16.64 -30.62
C GLU D 265 8.85 15.34 -30.92
N ALA D 266 8.65 14.50 -29.90
CA ALA D 266 7.89 13.25 -30.03
C ALA D 266 6.42 13.51 -30.30
N ARG D 267 5.89 14.61 -29.77
CA ARG D 267 4.51 14.99 -30.03
C ARG D 267 4.35 15.41 -31.50
N GLU D 268 5.31 16.20 -31.98
CA GLU D 268 5.27 16.67 -33.36
C GLU D 268 5.30 15.49 -34.32
N GLY D 269 6.11 14.49 -34.01
CA GLY D 269 6.17 13.27 -34.82
C GLY D 269 4.87 12.48 -34.79
N LEU D 270 4.31 12.28 -33.61
CA LEU D 270 3.06 11.55 -33.45
C LEU D 270 1.83 12.24 -34.09
N THR D 271 1.85 13.57 -34.18
CA THR D 271 0.73 14.30 -34.78
C THR D 271 0.88 14.57 -36.28
N ALA D 272 2.03 14.20 -36.87
CA ALA D 272 2.26 14.36 -38.31
C ALA D 272 1.19 13.60 -39.11
N GLU D 273 1.05 13.95 -40.39
CA GLU D 273 0.09 13.27 -41.28
C GLU D 273 0.34 11.75 -41.29
N GLN D 274 1.62 11.39 -41.12
CA GLN D 274 2.02 9.99 -41.00
C GLN D 274 2.86 9.89 -39.71
N PRO D 275 2.24 9.42 -38.61
CA PRO D 275 2.94 9.38 -37.32
C PRO D 275 4.30 8.70 -37.40
N ASN D 276 5.30 9.32 -36.75
CA ASN D 276 6.69 8.84 -36.78
C ASN D 276 7.54 9.27 -35.57
N ILE D 277 8.06 8.31 -34.81
CA ILE D 277 8.98 8.63 -33.71
C ILE D 277 10.32 7.90 -33.85
N GLU D 278 10.74 7.64 -35.09
CA GLU D 278 11.99 6.89 -35.33
C GLU D 278 13.16 7.52 -34.62
N GLN D 279 13.28 8.82 -34.76
CA GLN D 279 14.35 9.58 -34.16
C GLN D 279 14.41 9.32 -32.65
N LEU D 280 13.26 9.39 -31.97
CA LEU D 280 13.19 9.16 -30.52
C LEU D 280 13.51 7.71 -30.17
N ALA D 281 12.92 6.78 -30.90
CA ALA D 281 13.12 5.38 -30.65
C ALA D 281 14.58 4.99 -30.87
N ASP D 282 15.13 5.39 -32.01
CA ASP D 282 16.50 5.02 -32.37
C ASP D 282 17.54 5.59 -31.41
N ASN D 283 17.37 6.84 -31.01
CA ASN D 283 18.33 7.46 -30.10
C ASN D 283 18.21 6.92 -28.69
N GLY D 284 16.99 6.65 -28.27
CA GLY D 284 16.75 6.07 -26.96
C GLY D 284 17.34 4.68 -26.88
N TYR D 285 17.13 3.88 -27.92
CA TYR D 285 17.70 2.55 -27.97
C TYR D 285 19.22 2.67 -27.84
N ARG D 286 19.85 3.34 -28.79
CA ARG D 286 21.27 3.68 -28.72
C ARG D 286 21.75 4.01 -27.31
N SER D 287 21.06 4.95 -26.69
CA SER D 287 21.45 5.44 -25.38
C SER D 287 21.36 4.34 -24.32
N ARG D 288 20.31 3.55 -24.39
CA ARG D 288 20.14 2.47 -23.44
C ARG D 288 21.27 1.45 -23.59
N ILE D 289 21.52 0.99 -24.82
CA ILE D 289 22.55 -0.01 -25.05
C ILE D 289 23.93 0.50 -24.64
N ARG D 290 24.19 1.80 -24.83
CA ARG D 290 25.45 2.39 -24.36
C ARG D 290 25.54 2.30 -22.84
N TYR D 291 24.47 2.69 -22.16
CA TYR D 291 24.39 2.59 -20.71
C TYR D 291 24.62 1.16 -20.25
N GLU D 292 23.94 0.19 -20.86
CA GLU D 292 24.12 -1.21 -20.49
C GLU D 292 25.58 -1.64 -20.58
N ALA D 293 26.27 -1.14 -21.58
CA ALA D 293 27.67 -1.47 -21.82
C ALA D 293 28.59 -1.08 -20.67
N ARG D 294 28.34 0.09 -20.07
CA ARG D 294 29.17 0.63 -18.99
C ARG D 294 28.62 0.36 -17.56
N SER D 295 28.06 -0.83 -17.31
CA SER D 295 27.49 -1.15 -15.98
C SER D 295 27.62 -2.64 -15.64
N SER D 310 33.39 -4.97 -12.99
CA SER D 310 32.89 -3.69 -13.49
C SER D 310 33.33 -3.52 -14.93
N SER D 311 32.66 -2.58 -15.61
CA SER D 311 33.00 -2.19 -16.98
C SER D 311 33.29 -0.68 -17.07
N ARG D 312 33.52 -0.04 -15.91
CA ARG D 312 33.92 1.36 -15.87
C ARG D 312 35.43 1.45 -15.95
N PRO D 313 35.95 2.39 -16.75
CA PRO D 313 37.40 2.53 -16.87
C PRO D 313 38.06 2.81 -15.53
N VAL D 314 39.33 2.43 -15.39
CA VAL D 314 40.06 2.62 -14.12
C VAL D 314 41.35 3.44 -14.32
N LEU D 315 41.55 4.42 -13.43
CA LEU D 315 42.73 5.30 -13.48
C LEU D 315 43.39 5.28 -12.11
N ARG D 316 44.70 5.06 -12.08
CA ARG D 316 45.44 5.02 -10.82
C ARG D 316 45.94 6.42 -10.50
N LEU D 317 45.77 6.85 -9.25
CA LEU D 317 46.24 8.18 -8.82
C LEU D 317 47.43 8.07 -7.89
N HIS D 318 48.28 9.08 -7.93
CA HIS D 318 49.47 9.13 -7.11
C HIS D 318 49.49 10.49 -6.43
N PRO D 319 48.78 10.65 -5.29
CA PRO D 319 48.76 11.95 -4.63
C PRO D 319 50.15 12.37 -4.12
N GLY D 320 50.52 13.63 -4.36
CA GLY D 320 51.85 14.14 -4.03
C GLY D 320 52.73 14.28 -5.27
N THR D 321 52.25 13.74 -6.39
CA THR D 321 52.94 13.86 -7.67
C THR D 321 52.74 15.27 -8.24
N PRO D 322 53.67 15.72 -9.09
CA PRO D 322 53.42 16.96 -9.83
C PRO D 322 52.16 16.84 -10.70
N ASN D 323 51.26 17.80 -10.56
CA ASN D 323 49.99 17.81 -11.29
C ASN D 323 49.22 16.50 -11.20
N TRP D 324 49.27 15.85 -10.05
CA TRP D 324 48.53 14.62 -9.83
C TRP D 324 47.04 14.87 -9.98
N GLU D 325 46.60 16.05 -9.54
CA GLU D 325 45.20 16.47 -9.66
C GLU D 325 44.62 16.42 -11.06
N LYS D 326 45.47 16.37 -12.08
CA LYS D 326 45.01 16.26 -13.46
C LYS D 326 44.13 15.02 -13.64
N GLN D 327 44.53 13.93 -12.99
CA GLN D 327 43.81 12.68 -13.14
C GLN D 327 42.42 12.72 -12.53
N LEU D 328 42.22 13.60 -11.55
CA LEU D 328 40.90 13.76 -10.94
C LEU D 328 39.93 14.37 -11.93
N ILE D 329 40.37 15.34 -12.70
CA ILE D 329 39.50 15.92 -13.74
C ILE D 329 39.35 14.93 -14.90
N HIS D 330 40.36 14.10 -15.09
CA HIS D 330 40.34 13.10 -16.15
C HIS D 330 39.27 12.05 -15.83
N ALA D 331 39.29 11.53 -14.60
CA ALA D 331 38.31 10.52 -14.16
C ALA D 331 36.89 11.08 -14.23
N GLU D 332 36.73 12.30 -13.74
CA GLU D 332 35.43 12.97 -13.77
C GLU D 332 34.86 12.94 -15.18
N THR D 333 35.65 13.37 -16.15
CA THR D 333 35.20 13.43 -17.54
C THR D 333 34.75 12.08 -18.10
N LEU D 334 35.53 11.04 -17.83
CA LEU D 334 35.27 9.69 -18.32
C LEU D 334 34.33 8.91 -17.42
N GLY D 335 34.04 9.46 -16.24
CA GLY D 335 33.24 8.74 -15.25
C GLY D 335 34.02 7.53 -14.79
N ALA D 336 35.33 7.69 -14.67
CA ALA D 336 36.20 6.59 -14.30
C ALA D 336 36.20 6.39 -12.80
N ARG D 337 36.57 5.19 -12.39
CA ARG D 337 36.77 4.89 -10.98
C ARG D 337 38.28 4.97 -10.73
N ILE D 338 38.67 5.14 -9.47
CA ILE D 338 40.06 5.34 -9.14
C ILE D 338 40.55 4.44 -8.01
N GLU D 339 41.87 4.24 -7.98
CA GLU D 339 42.56 3.50 -6.92
C GLU D 339 43.80 4.31 -6.54
N VAL D 340 43.91 4.63 -5.26
CA VAL D 340 45.01 5.46 -4.76
C VAL D 340 46.28 4.67 -4.45
N PHE D 341 47.34 4.92 -5.22
CA PHE D 341 48.65 4.27 -5.04
C PHE D 341 49.53 5.11 -4.13
#